data_9CSC
#
_entry.id   9CSC
#
_cell.length_a   131.421
_cell.length_b   131.421
_cell.length_c   158.907
_cell.angle_alpha   90.000
_cell.angle_beta   90.000
_cell.angle_gamma   90.000
#
_symmetry.space_group_name_H-M   'P 41 21 2'
#
loop_
_entity.id
_entity.type
_entity.pdbx_description
1 polymer '3-oxoacid CoA-transferase, B subunit'
2 polymer '3-oxoacid CoA-transferase, A subunit'
3 non-polymer 'ACETATE ION'
4 water water
#
loop_
_entity_poly.entity_id
_entity_poly.type
_entity_poly.pdbx_seq_one_letter_code
_entity_poly.pdbx_strand_id
1 'polypeptide(L)'
;MNPKEKIAIRVAQELKKGQLVNLGIGLPTLVANYIPKDIHVFFQSENGIIGMGPAPKEGYENSDLTNAGASYITALPGAM
TFDSAFSFGIIRGGHLDVTVLGGLQVDEEGHLANWMIPGKMIPGMGGAMDLVTGAKKVIVAMTHTAKGTPKIVKKCTLPL
TSIRKVDLIVTELAVIEPTDEGLLLKEISKETTLDEVLKLTEAKLIIADDLKIFA
;
B,C
2 'polypeptide(L)'
;MKVVDISKINELVKEGATLMIGGFLGVGTPENIIDEIIRHNISNLTVIANDTAFEDRGIGKLVKNKLCKKVIVSHIGTNP
ETQRQMIEGTLEVELVPQGTLAERIRAAGVGLGGILTPTGVGTVVEKDKKVIEVEGKKYLLELPIHADVALIKAKKADYL
GNLVYNLTAENFNPIMALAAKTVIAEVEEIVPTGTLSPNEIKTPGIIVDYIVTGVTR
;
A,D
#
loop_
_chem_comp.id
_chem_comp.type
_chem_comp.name
_chem_comp.formula
ACT non-polymer 'ACETATE ION' 'C2 H3 O2 -1'
#
# COMPACT_ATOMS: atom_id res chain seq x y z
N ASN A 2 -41.62 -4.67 -9.56
CA ASN A 2 -42.33 -4.70 -8.26
C ASN A 2 -41.68 -5.58 -7.20
N PRO A 3 -41.45 -6.87 -7.47
CA PRO A 3 -40.64 -7.64 -6.50
C PRO A 3 -39.25 -7.05 -6.25
N LYS A 4 -38.57 -6.59 -7.31
CA LYS A 4 -37.27 -5.95 -7.11
C LYS A 4 -37.43 -4.59 -6.46
N GLU A 5 -38.52 -3.88 -6.79
CA GLU A 5 -38.84 -2.64 -6.11
C GLU A 5 -39.05 -2.86 -4.63
N LYS A 6 -39.88 -3.86 -4.27
CA LYS A 6 -40.22 -4.06 -2.87
C LYS A 6 -38.97 -4.27 -2.06
N ILE A 7 -38.03 -5.05 -2.62
CA ILE A 7 -36.78 -5.32 -1.91
C ILE A 7 -35.97 -4.04 -1.78
N ALA A 8 -35.86 -3.28 -2.87
CA ALA A 8 -34.99 -2.11 -2.90
C ALA A 8 -35.46 -1.03 -1.95
N ILE A 9 -36.76 -0.79 -1.91
CA ILE A 9 -37.30 0.17 -0.98
C ILE A 9 -37.01 -0.23 0.46
N ARG A 10 -37.17 -1.51 0.78
CA ARG A 10 -36.99 -1.90 2.17
C ARG A 10 -35.53 -1.83 2.57
N VAL A 11 -34.61 -2.15 1.64
CA VAL A 11 -33.19 -2.02 1.97
C VAL A 11 -32.82 -0.56 2.22
N ALA A 12 -33.43 0.34 1.46
CA ALA A 12 -33.11 1.76 1.49
C ALA A 12 -33.45 2.37 2.84
N GLN A 13 -34.37 1.76 3.58
CA GLN A 13 -34.70 2.24 4.91
C GLN A 13 -33.69 1.80 5.95
N GLU A 14 -32.79 0.87 5.62
CA GLU A 14 -31.74 0.46 6.55
C GLU A 14 -30.53 1.41 6.53
N LEU A 15 -30.45 2.32 5.56
CA LEU A 15 -29.28 3.19 5.39
C LEU A 15 -29.43 4.39 6.31
N LYS A 16 -28.29 4.86 6.85
CA LYS A 16 -28.30 5.96 7.80
C LYS A 16 -27.38 7.11 7.36
N LYS A 17 -27.65 8.28 7.88
CA LYS A 17 -26.96 9.47 7.38
C LYS A 17 -25.44 9.35 7.59
N GLY A 18 -24.70 9.73 6.56
CA GLY A 18 -23.25 9.72 6.62
C GLY A 18 -22.61 8.37 6.37
N GLN A 19 -23.36 7.35 5.98
CA GLN A 19 -22.79 6.03 5.81
C GLN A 19 -22.10 5.91 4.45
N LEU A 20 -20.95 5.25 4.44
CA LEU A 20 -20.30 4.85 3.21
C LEU A 20 -20.91 3.51 2.80
N VAL A 21 -21.47 3.46 1.63
CA VAL A 21 -22.25 2.31 1.19
C VAL A 21 -21.72 1.82 -0.14
N ASN A 22 -21.58 0.49 -0.28
CA ASN A 22 -21.24 -0.10 -1.56
C ASN A 22 -22.40 -0.95 -2.03
N LEU A 23 -22.90 -0.67 -3.22
CA LEU A 23 -23.98 -1.43 -3.82
C LEU A 23 -23.46 -2.35 -4.92
N GLY A 24 -23.83 -3.64 -4.85
CA GLY A 24 -23.55 -4.55 -5.95
C GLY A 24 -24.36 -4.20 -7.19
N ILE A 25 -23.85 -4.59 -8.37
CA ILE A 25 -24.61 -4.28 -9.62
C ILE A 25 -25.81 -5.22 -9.72
N GLY A 26 -26.83 -4.78 -10.46
CA GLY A 26 -28.06 -5.55 -10.52
C GLY A 26 -29.06 -5.07 -9.50
N LEU A 27 -29.69 -6.00 -8.78
CA LEU A 27 -30.75 -5.61 -7.86
C LEU A 27 -30.32 -4.54 -6.85
N PRO A 28 -29.19 -4.67 -6.17
CA PRO A 28 -28.85 -3.65 -5.16
C PRO A 28 -28.74 -2.21 -5.68
N THR A 29 -28.26 -2.00 -6.91
CA THR A 29 -28.11 -0.62 -7.38
C THR A 29 -29.44 0.13 -7.39
N LEU A 30 -30.57 -0.58 -7.49
CA LEU A 30 -31.88 0.08 -7.41
C LEU A 30 -32.14 0.69 -6.04
N VAL A 31 -31.41 0.26 -5.01
CA VAL A 31 -31.54 0.85 -3.69
C VAL A 31 -31.34 2.36 -3.74
N ALA A 32 -30.46 2.82 -4.64
CA ALA A 32 -30.11 4.24 -4.72
C ALA A 32 -31.24 5.10 -5.29
N ASN A 33 -32.26 4.49 -5.89
CA ASN A 33 -33.44 5.23 -6.31
C ASN A 33 -34.42 5.53 -5.17
N TYR A 34 -34.22 4.92 -3.99
CA TYR A 34 -35.22 5.01 -2.94
C TYR A 34 -34.66 5.55 -1.62
N ILE A 35 -33.49 6.17 -1.66
CA ILE A 35 -32.98 6.78 -0.43
C ILE A 35 -33.94 7.89 -0.04
N PRO A 36 -34.42 7.94 1.20
CA PRO A 36 -35.20 9.10 1.63
C PRO A 36 -34.39 10.38 1.58
N LYS A 37 -35.03 11.48 1.16
CA LYS A 37 -34.51 12.79 1.51
C LYS A 37 -34.38 12.77 3.02
N ASP A 38 -33.46 13.58 3.56
CA ASP A 38 -33.11 13.57 4.98
C ASP A 38 -31.94 12.63 5.26
N ILE A 39 -31.71 11.68 4.36
CA ILE A 39 -30.60 10.74 4.48
C ILE A 39 -29.63 11.00 3.34
N HIS A 40 -28.45 11.47 3.70
CA HIS A 40 -27.35 11.60 2.76
C HIS A 40 -26.32 10.52 3.02
N VAL A 41 -26.05 9.70 1.99
CA VAL A 41 -25.06 8.63 2.07
C VAL A 41 -24.00 8.85 0.97
N PHE A 42 -22.85 8.18 1.12
CA PHE A 42 -21.73 8.22 0.18
C PHE A 42 -21.51 6.82 -0.38
N PHE A 43 -21.45 6.70 -1.71
CA PHE A 43 -21.34 5.44 -2.42
C PHE A 43 -19.90 5.20 -2.84
N GLN A 44 -19.43 4.00 -2.58
CA GLN A 44 -18.13 3.48 -3.03
C GLN A 44 -18.37 2.51 -4.17
N SER A 45 -17.50 2.56 -5.18
CA SER A 45 -17.40 1.55 -6.22
C SER A 45 -15.98 0.99 -6.21
N GLU A 46 -15.90 -0.35 -6.35
CA GLU A 46 -14.64 -1.06 -6.14
C GLU A 46 -13.59 -0.67 -7.14
N ASN A 47 -13.99 -0.24 -8.33
CA ASN A 47 -13.01 0.15 -9.33
C ASN A 47 -12.34 1.46 -8.96
N GLY A 48 -12.80 2.15 -7.90
CA GLY A 48 -11.99 3.17 -7.29
C GLY A 48 -12.58 4.56 -7.17
N ILE A 49 -13.72 4.69 -6.49
CA ILE A 49 -14.24 6.00 -6.17
C ILE A 49 -15.02 5.93 -4.86
N ILE A 50 -14.87 7.00 -4.07
CA ILE A 50 -15.79 7.37 -3.00
C ILE A 50 -16.49 8.67 -3.40
N GLY A 51 -17.80 8.62 -3.50
CA GLY A 51 -18.57 9.77 -3.92
C GLY A 51 -19.23 9.52 -5.26
N MET A 52 -19.58 8.26 -5.54
CA MET A 52 -20.23 7.95 -6.81
C MET A 52 -21.61 8.60 -6.85
N GLY A 53 -21.99 9.04 -8.03
CA GLY A 53 -23.28 9.65 -8.24
C GLY A 53 -24.00 8.93 -9.36
N PRO A 54 -25.19 9.39 -9.71
CA PRO A 54 -25.97 8.73 -10.76
C PRO A 54 -25.39 8.87 -12.15
N ALA A 55 -26.03 8.21 -13.10
CA ALA A 55 -25.57 8.25 -14.49
C ALA A 55 -25.62 9.68 -15.03
N PRO A 56 -24.65 10.07 -15.84
CA PRO A 56 -24.64 11.43 -16.40
C PRO A 56 -25.81 11.65 -17.34
N LYS A 57 -26.28 12.90 -17.36
CA LYS A 57 -27.10 13.37 -18.45
C LYS A 57 -26.33 13.27 -19.76
N GLU A 58 -27.07 13.10 -20.85
CA GLU A 58 -26.45 12.83 -22.15
C GLU A 58 -25.47 13.94 -22.56
N GLY A 59 -24.28 13.53 -23.01
CA GLY A 59 -23.19 14.46 -23.32
C GLY A 59 -22.32 14.87 -22.15
N TYR A 60 -22.67 14.47 -20.94
CA TYR A 60 -21.84 14.74 -19.78
C TYR A 60 -21.02 13.55 -19.37
N GLU A 61 -20.93 12.54 -20.23
CA GLU A 61 -20.13 11.35 -19.91
C GLU A 61 -18.63 11.65 -19.94
N ASN A 62 -17.90 10.90 -19.12
CA ASN A 62 -16.44 10.90 -19.13
C ASN A 62 -15.99 9.44 -19.19
N SER A 63 -15.20 9.11 -20.22
CA SER A 63 -14.81 7.71 -20.45
CA SER A 63 -14.80 7.72 -20.44
C SER A 63 -13.94 7.16 -19.33
N ASP A 64 -13.33 8.01 -18.50
CA ASP A 64 -12.51 7.57 -17.38
C ASP A 64 -13.31 7.42 -16.07
N LEU A 65 -14.64 7.63 -16.09
CA LEU A 65 -15.44 7.68 -14.86
C LEU A 65 -16.61 6.71 -14.96
N THR A 66 -16.47 5.55 -14.32
CA THR A 66 -17.52 4.56 -14.47
C THR A 66 -17.77 3.84 -13.15
N ASN A 67 -18.81 3.00 -13.14
CA ASN A 67 -19.04 2.11 -12.01
C ASN A 67 -18.31 0.77 -12.24
N ALA A 68 -18.62 -0.24 -11.41
CA ALA A 68 -17.96 -1.55 -11.47
C ALA A 68 -18.50 -2.46 -12.58
N GLY A 69 -19.51 -2.04 -13.32
CA GLY A 69 -19.91 -2.61 -14.59
C GLY A 69 -19.48 -1.81 -15.81
N ALA A 70 -18.63 -0.78 -15.66
CA ALA A 70 -18.12 0.04 -16.75
C ALA A 70 -19.17 0.93 -17.38
N SER A 71 -20.32 1.06 -16.74
CA SER A 71 -21.32 2.02 -17.17
C SER A 71 -20.96 3.43 -16.63
N TYR A 72 -21.26 4.44 -17.45
CA TYR A 72 -20.88 5.80 -17.08
C TYR A 72 -21.60 6.30 -15.83
N ILE A 73 -20.86 6.96 -14.94
CA ILE A 73 -21.41 7.54 -13.72
C ILE A 73 -20.93 8.97 -13.57
N THR A 74 -21.42 9.63 -12.52
CA THR A 74 -20.97 10.95 -12.15
C THR A 74 -20.20 10.84 -10.85
N ALA A 75 -19.38 11.85 -10.61
CA ALA A 75 -18.75 12.03 -9.33
C ALA A 75 -19.35 13.28 -8.72
N LEU A 76 -19.76 13.16 -7.47
CA LEU A 76 -20.31 14.27 -6.68
C LEU A 76 -19.20 15.11 -6.05
N PRO A 77 -19.53 16.33 -5.64
CA PRO A 77 -18.50 17.17 -5.02
C PRO A 77 -17.91 16.51 -3.80
N GLY A 78 -16.58 16.62 -3.68
CA GLY A 78 -15.86 15.96 -2.61
C GLY A 78 -15.57 14.49 -2.81
N ALA A 79 -15.82 13.98 -4.00
CA ALA A 79 -15.41 12.64 -4.40
C ALA A 79 -13.90 12.48 -4.32
N MET A 80 -13.50 11.22 -4.09
CA MET A 80 -12.10 10.81 -4.16
C MET A 80 -12.02 9.61 -5.10
N THR A 81 -11.01 9.61 -5.99
CA THR A 81 -10.66 8.44 -6.80
C THR A 81 -9.25 7.94 -6.42
N PHE A 82 -9.03 6.65 -6.66
CA PHE A 82 -7.84 6.05 -6.05
C PHE A 82 -7.58 4.69 -6.70
N ASP A 83 -6.41 4.12 -6.39
CA ASP A 83 -6.00 2.84 -6.96
C ASP A 83 -6.72 1.70 -6.22
N SER A 84 -6.68 0.51 -6.83
CA SER A 84 -7.40 -0.68 -6.37
C SER A 84 -6.85 -1.24 -5.06
N ALA A 85 -5.60 -0.94 -4.71
CA ALA A 85 -5.11 -1.31 -3.40
C ALA A 85 -5.80 -0.46 -2.33
N PHE A 86 -5.88 0.85 -2.55
CA PHE A 86 -6.55 1.71 -1.58
C PHE A 86 -8.04 1.36 -1.47
N SER A 87 -8.64 1.00 -2.59
CA SER A 87 -10.04 0.70 -2.62
C SER A 87 -10.37 -0.52 -1.79
N PHE A 88 -9.51 -1.50 -1.83
CA PHE A 88 -9.80 -2.66 -1.03
C PHE A 88 -9.24 -2.59 0.35
N GLY A 89 -8.36 -1.61 0.60
CA GLY A 89 -8.05 -1.23 1.94
C GLY A 89 -9.27 -0.69 2.67
N ILE A 90 -10.11 0.05 1.94
CA ILE A 90 -11.35 0.58 2.51
C ILE A 90 -12.32 -0.56 2.84
N ILE A 91 -12.45 -1.49 1.89
CA ILE A 91 -13.42 -2.57 1.97
C ILE A 91 -12.98 -3.60 3.00
N ARG A 92 -11.73 -4.05 2.92
CA ARG A 92 -11.24 -5.12 3.77
C ARG A 92 -10.83 -4.60 5.14
N GLY A 93 -10.59 -3.30 5.25
CA GLY A 93 -10.12 -2.71 6.46
C GLY A 93 -11.20 -2.21 7.40
N GLY A 94 -12.48 -2.48 7.10
CA GLY A 94 -13.59 -2.13 7.94
C GLY A 94 -14.08 -0.70 7.88
N HIS A 95 -13.68 0.06 6.88
CA HIS A 95 -14.07 1.45 6.70
C HIS A 95 -15.34 1.59 5.91
N LEU A 96 -15.85 0.51 5.34
CA LEU A 96 -17.12 0.56 4.62
C LEU A 96 -18.24 0.21 5.59
N ASP A 97 -19.20 1.13 5.77
CA ASP A 97 -20.23 0.91 6.77
C ASP A 97 -21.19 -0.19 6.33
N VAL A 98 -21.60 -0.18 5.09
CA VAL A 98 -22.61 -1.11 4.61
C VAL A 98 -22.19 -1.58 3.23
N THR A 99 -22.42 -2.86 2.94
CA THR A 99 -22.56 -3.32 1.57
C THR A 99 -23.89 -4.07 1.34
N VAL A 100 -24.59 -3.68 0.29
CA VAL A 100 -25.75 -4.42 -0.21
C VAL A 100 -25.30 -5.24 -1.40
N LEU A 101 -25.51 -6.57 -1.32
CA LEU A 101 -25.10 -7.53 -2.33
C LEU A 101 -26.30 -8.40 -2.71
N GLY A 102 -26.27 -8.94 -3.93
CA GLY A 102 -27.29 -9.86 -4.37
C GLY A 102 -27.00 -11.26 -3.87
N GLY A 103 -27.97 -12.16 -4.08
CA GLY A 103 -27.87 -13.48 -3.48
C GLY A 103 -28.28 -14.70 -4.30
N LEU A 104 -27.49 -15.76 -4.20
CA LEU A 104 -27.87 -17.04 -4.76
C LEU A 104 -28.44 -17.97 -3.71
N GLN A 105 -27.74 -18.14 -2.59
CA GLN A 105 -28.30 -18.77 -1.41
C GLN A 105 -27.79 -18.05 -0.16
N VAL A 106 -28.59 -18.13 0.91
CA VAL A 106 -28.14 -17.84 2.27
C VAL A 106 -28.58 -19.01 3.15
N ASP A 107 -27.73 -19.44 4.06
CA ASP A 107 -28.05 -20.58 4.93
C ASP A 107 -28.22 -20.13 6.38
N GLU A 108 -28.43 -21.11 7.27
CA GLU A 108 -28.87 -20.78 8.62
C GLU A 108 -27.72 -20.29 9.50
N GLU A 109 -26.45 -20.46 9.07
CA GLU A 109 -25.30 -19.81 9.72
C GLU A 109 -25.11 -18.35 9.25
N GLY A 110 -25.99 -17.83 8.40
CA GLY A 110 -25.79 -16.51 7.81
C GLY A 110 -24.81 -16.50 6.65
N HIS A 111 -24.55 -17.65 6.05
CA HIS A 111 -23.50 -17.79 5.07
C HIS A 111 -24.03 -17.53 3.67
N LEU A 112 -23.30 -16.70 2.92
CA LEU A 112 -23.79 -16.29 1.61
C LEU A 112 -23.01 -16.99 0.51
N ALA A 113 -23.76 -17.42 -0.50
CA ALA A 113 -23.27 -17.93 -1.78
C ALA A 113 -23.83 -16.99 -2.85
N ASN A 114 -22.95 -16.32 -3.62
CA ASN A 114 -23.48 -15.41 -4.65
C ASN A 114 -22.53 -15.17 -5.83
N TRP A 115 -21.57 -16.06 -6.10
CA TRP A 115 -20.58 -15.79 -7.14
C TRP A 115 -20.34 -16.91 -8.13
N MET A 116 -21.10 -18.00 -8.08
CA MET A 116 -20.82 -19.15 -8.92
C MET A 116 -21.94 -20.18 -8.85
N ILE A 117 -22.39 -20.64 -10.00
CA ILE A 117 -23.23 -21.83 -10.06
C ILE A 117 -22.47 -22.88 -10.86
N PRO A 118 -22.06 -23.99 -10.27
CA PRO A 118 -21.27 -24.96 -11.05
C PRO A 118 -22.10 -25.45 -12.24
N GLY A 119 -21.42 -25.68 -13.34
CA GLY A 119 -22.09 -26.11 -14.55
C GLY A 119 -22.68 -24.94 -15.31
N LYS A 120 -23.31 -23.99 -14.64
CA LYS A 120 -23.98 -22.91 -15.34
C LYS A 120 -23.04 -21.72 -15.45
N MET A 121 -23.00 -20.87 -14.43
CA MET A 121 -22.37 -19.57 -14.53
C MET A 121 -21.06 -19.54 -13.78
N ILE A 122 -19.98 -19.16 -14.49
CA ILE A 122 -18.68 -19.01 -13.86
C ILE A 122 -18.04 -17.65 -14.18
N PRO A 123 -18.51 -16.56 -13.58
CA PRO A 123 -17.94 -15.24 -13.89
C PRO A 123 -16.75 -14.83 -13.04
N GLY A 124 -16.41 -15.59 -12.00
CA GLY A 124 -15.42 -15.20 -11.01
C GLY A 124 -16.01 -14.32 -9.91
N MET A 125 -15.27 -14.19 -8.82
CA MET A 125 -15.82 -13.50 -7.65
C MET A 125 -15.68 -11.98 -7.71
N GLY A 126 -14.76 -11.46 -8.49
CA GLY A 126 -14.53 -10.04 -8.46
C GLY A 126 -14.16 -9.63 -7.05
N GLY A 127 -14.80 -8.56 -6.56
CA GLY A 127 -14.58 -8.06 -5.22
C GLY A 127 -15.55 -8.54 -4.16
N ALA A 128 -16.45 -9.45 -4.51
CA ALA A 128 -17.52 -9.91 -3.62
C ALA A 128 -17.00 -10.57 -2.36
N MET A 129 -15.91 -11.31 -2.43
CA MET A 129 -15.38 -11.96 -1.27
C MET A 129 -14.80 -10.95 -0.29
N ASP A 130 -14.16 -9.93 -0.82
CA ASP A 130 -13.56 -8.93 0.06
C ASP A 130 -14.67 -8.13 0.73
N LEU A 131 -15.72 -7.85 -0.04
CA LEU A 131 -16.83 -7.06 0.47
C LEU A 131 -17.56 -7.76 1.62
N VAL A 132 -17.80 -9.06 1.49
CA VAL A 132 -18.52 -9.77 2.56
C VAL A 132 -17.62 -9.94 3.78
N THR A 133 -16.35 -10.26 3.57
CA THR A 133 -15.50 -10.45 4.73
C THR A 133 -15.18 -9.12 5.40
N GLY A 134 -15.32 -7.97 4.71
CA GLY A 134 -14.84 -6.71 5.27
C GLY A 134 -15.84 -5.65 5.72
N ALA A 135 -16.96 -5.60 5.08
CA ALA A 135 -17.94 -4.56 5.38
C ALA A 135 -18.47 -4.62 6.81
N LYS A 136 -18.80 -3.44 7.38
CA LYS A 136 -19.29 -3.45 8.75
C LYS A 136 -20.64 -4.15 8.83
N LYS A 137 -21.43 -4.07 7.77
CA LYS A 137 -22.77 -4.63 7.74
C LYS A 137 -22.99 -5.11 6.31
N VAL A 138 -23.35 -6.38 6.16
CA VAL A 138 -23.70 -6.97 4.87
C VAL A 138 -25.21 -7.18 4.85
N ILE A 139 -25.87 -6.57 3.88
CA ILE A 139 -27.29 -6.78 3.64
C ILE A 139 -27.39 -7.52 2.32
N VAL A 140 -27.98 -8.75 2.33
CA VAL A 140 -28.32 -9.46 1.09
C VAL A 140 -29.72 -9.07 0.63
N ALA A 141 -29.83 -8.70 -0.65
CA ALA A 141 -31.06 -8.30 -1.32
C ALA A 141 -31.33 -9.29 -2.45
N MET A 142 -32.33 -10.16 -2.26
CA MET A 142 -32.56 -11.25 -3.21
C MET A 142 -34.02 -11.70 -3.20
N THR A 143 -34.50 -12.16 -4.37
CA THR A 143 -35.85 -12.71 -4.47
C THR A 143 -35.97 -14.02 -3.67
N HIS A 144 -37.14 -14.25 -3.07
CA HIS A 144 -37.17 -15.29 -2.04
C HIS A 144 -36.93 -16.69 -2.60
N THR A 145 -37.44 -16.96 -3.79
CA THR A 145 -37.21 -18.22 -4.47
C THR A 145 -36.65 -18.00 -5.87
N ALA A 146 -36.03 -19.05 -6.40
CA ALA A 146 -35.59 -19.16 -7.80
C ALA A 146 -36.53 -20.12 -8.52
N LYS A 147 -37.57 -19.57 -9.16
CA LYS A 147 -38.60 -20.38 -9.80
C LYS A 147 -39.22 -21.35 -8.79
N GLY A 148 -39.55 -20.83 -7.62
CA GLY A 148 -40.17 -21.63 -6.60
C GLY A 148 -39.21 -22.39 -5.72
N THR A 149 -37.99 -22.59 -6.16
CA THR A 149 -37.02 -23.24 -5.30
C THR A 149 -36.56 -22.24 -4.24
N PRO A 150 -36.60 -22.61 -2.96
CA PRO A 150 -36.07 -21.72 -1.90
C PRO A 150 -34.58 -21.44 -1.99
N LYS A 151 -34.22 -20.18 -1.70
CA LYS A 151 -32.82 -19.74 -1.68
C LYS A 151 -32.26 -19.65 -0.26
N ILE A 152 -33.16 -19.62 0.73
CA ILE A 152 -32.83 -19.61 2.16
C ILE A 152 -32.91 -21.06 2.64
N VAL A 153 -31.76 -21.67 2.93
CA VAL A 153 -31.66 -23.13 3.04
C VAL A 153 -30.85 -23.51 4.27
N LYS A 154 -30.86 -24.80 4.58
CA LYS A 154 -30.18 -25.27 5.78
C LYS A 154 -28.67 -25.07 5.67
N LYS A 155 -28.07 -25.57 4.59
CA LYS A 155 -26.63 -25.43 4.38
C LYS A 155 -26.44 -25.05 2.93
N CYS A 156 -25.62 -24.04 2.68
CA CYS A 156 -25.43 -23.61 1.30
C CYS A 156 -24.90 -24.78 0.50
N THR A 157 -25.53 -25.02 -0.66
CA THR A 157 -25.04 -26.00 -1.59
C THR A 157 -24.13 -25.43 -2.67
N LEU A 158 -24.35 -24.19 -3.09
CA LEU A 158 -23.47 -23.51 -4.05
C LEU A 158 -22.27 -22.88 -3.34
N PRO A 159 -21.18 -22.65 -4.08
CA PRO A 159 -19.92 -22.29 -3.40
C PRO A 159 -20.06 -21.00 -2.62
N LEU A 160 -19.42 -20.96 -1.47
CA LEU A 160 -19.53 -19.85 -0.56
C LEU A 160 -18.75 -18.63 -1.02
N THR A 161 -19.34 -17.44 -0.81
CA THR A 161 -18.61 -16.19 -0.95
C THR A 161 -17.75 -15.89 0.25
N SER A 162 -18.18 -16.28 1.44
CA SER A 162 -17.26 -16.32 2.57
C SER A 162 -17.98 -16.91 3.79
N ILE A 163 -17.21 -17.07 4.88
CA ILE A 163 -17.77 -17.63 6.10
C ILE A 163 -18.36 -16.58 7.04
N ARG A 164 -18.22 -15.29 6.72
CA ARG A 164 -18.77 -14.27 7.61
C ARG A 164 -20.30 -14.39 7.62
N LYS A 165 -20.88 -14.20 8.81
CA LYS A 165 -22.32 -14.17 8.98
C LYS A 165 -22.86 -12.83 8.51
N VAL A 166 -23.68 -12.84 7.48
CA VAL A 166 -24.30 -11.60 7.04
C VAL A 166 -25.27 -11.11 8.09
N ASP A 167 -25.53 -9.81 8.08
CA ASP A 167 -26.30 -9.15 9.12
C ASP A 167 -27.77 -8.98 8.78
N LEU A 168 -28.18 -9.13 7.52
CA LEU A 168 -29.59 -9.00 7.23
C LEU A 168 -29.90 -9.53 5.83
N ILE A 169 -31.05 -10.19 5.71
CA ILE A 169 -31.55 -10.67 4.44
C ILE A 169 -32.85 -9.95 4.16
N VAL A 170 -33.02 -9.53 2.91
CA VAL A 170 -34.23 -8.83 2.52
C VAL A 170 -34.68 -9.41 1.20
N THR A 171 -35.88 -9.97 1.19
CA THR A 171 -36.56 -10.52 0.02
C THR A 171 -37.87 -9.75 -0.12
N GLU A 172 -38.60 -10.06 -1.17
CA GLU A 172 -39.92 -9.46 -1.42
C GLU A 172 -40.99 -9.92 -0.41
N LEU A 173 -40.72 -10.95 0.36
CA LEU A 173 -41.68 -11.48 1.31
C LEU A 173 -41.24 -11.34 2.76
N ALA A 174 -39.95 -11.14 3.03
CA ALA A 174 -39.43 -11.33 4.37
C ALA A 174 -38.23 -10.44 4.67
N VAL A 175 -38.04 -10.14 5.96
CA VAL A 175 -36.82 -9.53 6.45
C VAL A 175 -36.29 -10.43 7.57
N ILE A 176 -35.06 -10.96 7.38
CA ILE A 176 -34.48 -11.99 8.24
C ILE A 176 -33.13 -11.52 8.75
N GLU A 177 -32.93 -11.64 10.06
CA GLU A 177 -31.65 -11.23 10.64
C GLU A 177 -30.93 -12.46 11.16
N PRO A 178 -29.81 -12.87 10.59
CA PRO A 178 -29.10 -14.01 11.18
C PRO A 178 -28.56 -13.67 12.54
N THR A 179 -28.60 -14.64 13.45
CA THR A 179 -28.21 -14.40 14.83
C THR A 179 -27.38 -15.55 15.37
N ASP A 180 -27.04 -15.40 16.67
CA ASP A 180 -26.20 -16.34 17.41
C ASP A 180 -26.77 -17.76 17.36
N GLU A 181 -28.08 -17.88 17.32
CA GLU A 181 -28.72 -19.16 17.20
C GLU A 181 -29.89 -19.00 16.24
N GLY A 182 -29.57 -18.83 14.97
CA GLY A 182 -30.48 -19.11 13.88
C GLY A 182 -31.03 -17.85 13.22
N LEU A 183 -31.60 -18.05 12.05
CA LEU A 183 -32.25 -16.97 11.32
C LEU A 183 -33.47 -16.46 12.04
N LEU A 184 -33.53 -15.15 12.29
CA LEU A 184 -34.65 -14.54 12.98
C LEU A 184 -35.52 -13.81 11.98
N LEU A 185 -36.71 -14.32 11.77
CA LEU A 185 -37.68 -13.60 10.97
C LEU A 185 -38.21 -12.40 11.72
N LYS A 186 -37.96 -11.22 11.17
CA LYS A 186 -38.29 -9.94 11.78
C LYS A 186 -39.50 -9.26 11.18
N GLU A 187 -39.75 -9.49 9.89
CA GLU A 187 -40.74 -8.73 9.16
C GLU A 187 -41.30 -9.57 8.02
N ILE A 188 -42.55 -9.33 7.68
CA ILE A 188 -43.20 -10.00 6.57
C ILE A 188 -43.84 -8.96 5.68
N SER A 189 -43.83 -9.22 4.38
CA SER A 189 -44.55 -8.38 3.41
C SER A 189 -46.06 -8.49 3.59
N LYS A 190 -46.76 -7.38 3.34
CA LYS A 190 -48.20 -7.37 3.57
C LYS A 190 -48.97 -7.91 2.38
N GLU A 191 -48.32 -8.20 1.27
CA GLU A 191 -48.97 -9.03 0.26
C GLU A 191 -48.79 -10.53 0.52
N THR A 192 -48.09 -10.90 1.59
CA THR A 192 -47.90 -12.32 1.86
C THR A 192 -48.47 -12.70 3.25
N THR A 193 -48.23 -13.95 3.63
CA THR A 193 -48.70 -14.50 4.90
C THR A 193 -47.54 -15.24 5.54
N LEU A 194 -47.62 -15.42 6.86
CA LEU A 194 -46.58 -16.20 7.51
C LEU A 194 -46.54 -17.60 6.93
N ASP A 195 -47.72 -18.16 6.60
CA ASP A 195 -47.74 -19.54 6.13
C ASP A 195 -46.92 -19.67 4.85
N GLU A 196 -47.12 -18.77 3.89
CA GLU A 196 -46.37 -18.88 2.63
C GLU A 196 -44.87 -18.75 2.85
N VAL A 197 -44.45 -17.82 3.71
CA VAL A 197 -43.02 -17.63 3.94
C VAL A 197 -42.41 -18.89 4.47
N LEU A 198 -43.15 -19.61 5.31
CA LEU A 198 -42.63 -20.85 5.85
C LEU A 198 -42.70 -21.98 4.82
N LYS A 199 -43.70 -22.01 3.93
CA LYS A 199 -43.71 -23.00 2.87
C LYS A 199 -42.58 -22.78 1.91
N LEU A 200 -42.13 -21.53 1.80
CA LEU A 200 -41.13 -21.15 0.79
C LEU A 200 -39.74 -21.01 1.37
N THR A 201 -39.53 -21.39 2.63
CA THR A 201 -38.21 -21.37 3.26
C THR A 201 -37.86 -22.78 3.69
N GLU A 202 -36.71 -23.29 3.20
CA GLU A 202 -36.23 -24.57 3.70
C GLU A 202 -35.57 -24.41 5.06
N ALA A 203 -34.79 -23.33 5.25
CA ALA A 203 -34.04 -23.14 6.49
C ALA A 203 -35.01 -22.96 7.65
N LYS A 204 -34.56 -23.36 8.84
CA LYS A 204 -35.32 -23.09 10.04
C LYS A 204 -35.33 -21.60 10.33
N LEU A 205 -36.50 -21.07 10.69
CA LEU A 205 -36.64 -19.69 11.14
C LEU A 205 -37.21 -19.60 12.56
N ILE A 206 -36.50 -18.87 13.44
CA ILE A 206 -37.11 -18.31 14.65
C ILE A 206 -38.08 -17.20 14.25
N ILE A 207 -39.22 -17.10 14.95
CA ILE A 207 -40.22 -16.09 14.64
C ILE A 207 -40.26 -15.08 15.78
N ALA A 208 -40.28 -13.79 15.45
CA ALA A 208 -40.18 -12.77 16.49
C ALA A 208 -41.53 -12.46 17.11
N ASP A 209 -41.53 -12.26 18.46
CA ASP A 209 -42.72 -11.84 19.21
C ASP A 209 -43.31 -10.61 18.55
N ASP A 210 -42.57 -9.50 18.61
CA ASP A 210 -42.71 -8.45 17.62
C ASP A 210 -42.62 -9.11 16.24
N LEU A 211 -43.60 -8.91 15.37
CA LEU A 211 -43.45 -9.35 13.98
C LEU A 211 -44.16 -8.30 13.15
N LYS A 212 -43.39 -7.59 12.37
CA LYS A 212 -43.85 -6.38 11.70
C LYS A 212 -44.20 -6.70 10.27
N ILE A 213 -44.90 -5.75 9.65
CA ILE A 213 -45.26 -5.80 8.25
C ILE A 213 -44.52 -4.65 7.56
N PHE A 214 -44.61 -4.61 6.20
CA PHE A 214 -43.89 -3.68 5.33
C PHE A 214 -42.72 -4.47 4.76
N ALA A 215 -42.99 -5.26 3.72
CA ALA A 215 -42.05 -6.14 2.99
C ALA A 215 -40.98 -6.92 3.74
N MET B 1 14.51 9.94 -23.70
CA MET B 1 14.60 8.62 -24.31
C MET B 1 13.59 7.62 -23.78
N LYS B 2 12.71 8.00 -22.83
CA LYS B 2 11.66 7.06 -22.41
C LYS B 2 10.62 6.85 -23.52
N VAL B 3 10.30 7.92 -24.26
CA VAL B 3 9.28 7.87 -25.29
C VAL B 3 9.86 7.20 -26.52
N VAL B 4 9.15 6.19 -27.01
CA VAL B 4 9.61 5.33 -28.09
C VAL B 4 8.38 5.13 -28.95
N ASP B 5 8.63 4.73 -30.20
CA ASP B 5 7.59 4.38 -31.14
C ASP B 5 6.91 3.10 -30.71
N ILE B 6 5.65 2.94 -31.11
CA ILE B 6 4.94 1.74 -30.70
C ILE B 6 5.56 0.46 -31.26
N SER B 7 6.38 0.57 -32.31
CA SER B 7 7.04 -0.61 -32.88
C SER B 7 8.00 -1.24 -31.87
N LYS B 8 8.51 -0.45 -30.93
CA LYS B 8 9.47 -0.99 -30.00
C LYS B 8 8.85 -2.05 -29.09
N ILE B 9 7.53 -2.21 -29.14
CA ILE B 9 6.86 -3.24 -28.35
C ILE B 9 7.46 -4.60 -28.63
N ASN B 10 7.85 -4.82 -29.88
CA ASN B 10 8.26 -6.14 -30.31
C ASN B 10 9.63 -6.53 -29.82
N GLU B 11 10.46 -5.56 -29.43
CA GLU B 11 11.71 -5.87 -28.73
C GLU B 11 11.46 -6.13 -27.27
N LEU B 12 10.34 -5.63 -26.76
CA LEU B 12 10.13 -5.55 -25.33
C LEU B 12 9.19 -6.61 -24.80
N VAL B 13 8.19 -6.99 -25.57
CA VAL B 13 7.25 -8.03 -25.20
C VAL B 13 7.65 -9.31 -25.94
N LYS B 14 8.19 -10.28 -25.22
CA LYS B 14 8.59 -11.55 -25.86
C LYS B 14 7.43 -12.54 -25.90
N GLU B 15 7.50 -13.49 -26.82
CA GLU B 15 6.60 -14.65 -26.73
C GLU B 15 6.74 -15.35 -25.38
N GLY B 16 5.61 -15.80 -24.84
CA GLY B 16 5.56 -16.37 -23.51
C GLY B 16 5.76 -15.38 -22.38
N ALA B 17 5.67 -14.09 -22.63
CA ALA B 17 5.92 -13.15 -21.53
C ALA B 17 4.82 -13.29 -20.48
N THR B 18 5.18 -12.97 -19.24
CA THR B 18 4.19 -12.74 -18.19
C THR B 18 3.99 -11.24 -18.07
N LEU B 19 2.77 -10.79 -18.30
CA LEU B 19 2.45 -9.39 -18.41
C LEU B 19 1.37 -9.00 -17.38
N MET B 20 1.60 -7.91 -16.69
CA MET B 20 0.55 -7.12 -16.04
C MET B 20 -0.02 -6.06 -17.00
N ILE B 21 -1.35 -6.04 -17.10
CA ILE B 21 -2.05 -5.07 -17.93
C ILE B 21 -3.08 -4.36 -17.07
N GLY B 22 -2.95 -3.04 -17.01
CA GLY B 22 -3.86 -2.25 -16.21
C GLY B 22 -5.22 -2.16 -16.86
N GLY B 23 -6.20 -1.78 -16.05
CA GLY B 23 -7.52 -1.60 -16.58
C GLY B 23 -8.62 -2.38 -15.89
N PHE B 24 -9.74 -1.69 -15.70
CA PHE B 24 -10.92 -2.22 -15.02
C PHE B 24 -11.99 -2.30 -16.09
N LEU B 25 -12.32 -3.52 -16.54
CA LEU B 25 -13.28 -3.68 -17.63
C LEU B 25 -12.91 -2.74 -18.78
N GLY B 26 -11.61 -2.61 -19.01
CA GLY B 26 -11.15 -1.84 -20.16
C GLY B 26 -11.02 -0.33 -19.96
N VAL B 27 -11.31 0.16 -18.76
CA VAL B 27 -11.15 1.57 -18.39
C VAL B 27 -9.76 1.76 -17.79
N GLY B 28 -8.98 2.64 -18.42
CA GLY B 28 -7.57 2.73 -18.09
C GLY B 28 -6.73 1.55 -18.54
N THR B 29 -7.06 0.94 -19.65
CA THR B 29 -6.21 -0.05 -20.30
CA THR B 29 -6.22 -0.05 -20.31
C THR B 29 -5.41 0.58 -21.44
N PRO B 30 -4.18 0.08 -21.68
CA PRO B 30 -3.35 0.55 -22.84
C PRO B 30 -3.73 -0.10 -24.17
N GLU B 31 -4.82 0.44 -24.76
CA GLU B 31 -5.42 -0.13 -25.96
C GLU B 31 -4.46 -0.12 -27.16
N ASN B 32 -3.72 0.96 -27.36
CA ASN B 32 -2.78 0.97 -28.48
C ASN B 32 -1.70 -0.10 -28.31
N ILE B 33 -1.19 -0.25 -27.07
CA ILE B 33 -0.14 -1.24 -26.86
C ILE B 33 -0.68 -2.63 -27.15
N ILE B 34 -1.94 -2.89 -26.74
CA ILE B 34 -2.59 -4.16 -26.98
C ILE B 34 -2.78 -4.39 -28.49
N ASP B 35 -3.06 -3.32 -29.23
CA ASP B 35 -3.30 -3.51 -30.65
C ASP B 35 -2.00 -3.90 -31.37
N GLU B 36 -0.86 -3.38 -30.92
CA GLU B 36 0.42 -3.76 -31.53
C GLU B 36 0.75 -5.21 -31.19
N ILE B 37 0.43 -5.64 -29.97
CA ILE B 37 0.63 -7.04 -29.63
C ILE B 37 -0.15 -7.94 -30.59
N ILE B 38 -1.42 -7.60 -30.82
CA ILE B 38 -2.25 -8.38 -31.73
C ILE B 38 -1.71 -8.29 -33.16
N ARG B 39 -1.20 -7.13 -33.57
CA ARG B 39 -0.68 -6.99 -34.94
C ARG B 39 0.48 -7.95 -35.19
N HIS B 40 1.36 -8.14 -34.20
CA HIS B 40 2.49 -9.04 -34.38
C HIS B 40 2.25 -10.42 -33.80
N ASN B 41 1.00 -10.69 -33.42
CA ASN B 41 0.58 -11.99 -32.92
C ASN B 41 1.55 -12.54 -31.87
N ILE B 42 1.96 -11.69 -30.93
CA ILE B 42 2.78 -12.16 -29.79
C ILE B 42 1.93 -13.01 -28.87
N SER B 43 2.27 -14.30 -28.75
CA SER B 43 1.35 -15.18 -28.04
C SER B 43 1.90 -16.03 -26.90
N ASN B 44 1.09 -16.97 -26.41
CA ASN B 44 1.37 -17.71 -25.17
C ASN B 44 1.67 -16.81 -23.98
N LEU B 45 0.96 -15.69 -23.94
CA LEU B 45 1.11 -14.77 -22.81
C LEU B 45 0.47 -15.33 -21.53
N THR B 46 1.08 -15.02 -20.41
CA THR B 46 0.39 -15.05 -19.13
C THR B 46 0.02 -13.62 -18.77
N VAL B 47 -1.27 -13.30 -18.71
CA VAL B 47 -1.71 -11.94 -18.42
C VAL B 47 -2.33 -11.87 -17.03
N ILE B 48 -1.81 -10.98 -16.20
CA ILE B 48 -2.33 -10.61 -14.89
C ILE B 48 -3.10 -9.31 -15.08
N ALA B 49 -4.41 -9.36 -14.86
CA ALA B 49 -5.21 -8.15 -14.87
C ALA B 49 -6.45 -8.32 -14.01
N ASN B 50 -7.20 -7.24 -13.82
CA ASN B 50 -8.42 -7.42 -13.04
C ASN B 50 -9.43 -8.36 -13.69
N ASP B 51 -9.49 -8.36 -15.01
CA ASP B 51 -10.53 -9.01 -15.79
C ASP B 51 -10.03 -9.16 -17.24
N THR B 52 -10.84 -9.82 -18.05
CA THR B 52 -10.60 -9.90 -19.49
C THR B 52 -11.56 -8.96 -20.23
N ALA B 53 -11.95 -7.85 -19.57
CA ALA B 53 -12.79 -6.81 -20.17
C ALA B 53 -13.93 -7.43 -20.97
N PHE B 54 -14.11 -6.98 -22.22
CA PHE B 54 -15.19 -7.44 -23.08
C PHE B 54 -14.61 -7.98 -24.39
N GLU B 55 -15.44 -8.69 -25.15
CA GLU B 55 -14.94 -9.43 -26.30
C GLU B 55 -14.26 -8.54 -27.34
N ASP B 56 -14.61 -7.25 -27.40
CA ASP B 56 -14.09 -6.32 -28.39
C ASP B 56 -13.40 -5.12 -27.75
N ARG B 57 -12.77 -5.31 -26.60
CA ARG B 57 -12.23 -4.16 -25.91
C ARG B 57 -11.07 -4.64 -25.07
N GLY B 58 -10.02 -3.84 -25.04
CA GLY B 58 -8.96 -4.03 -24.09
C GLY B 58 -8.41 -5.45 -24.12
N ILE B 59 -8.28 -6.03 -22.94
CA ILE B 59 -7.64 -7.32 -22.77
C ILE B 59 -8.41 -8.42 -23.50
N GLY B 60 -9.71 -8.24 -23.71
CA GLY B 60 -10.50 -9.26 -24.38
C GLY B 60 -10.06 -9.49 -25.81
N LYS B 61 -9.48 -8.47 -26.42
CA LYS B 61 -8.93 -8.59 -27.76
C LYS B 61 -7.76 -9.58 -27.79
N LEU B 62 -6.95 -9.58 -26.75
CA LEU B 62 -5.87 -10.55 -26.67
C LEU B 62 -6.45 -11.96 -26.54
N VAL B 63 -7.56 -12.11 -25.83
CA VAL B 63 -8.22 -13.41 -25.71
C VAL B 63 -8.91 -13.80 -27.01
N LYS B 64 -9.57 -12.85 -27.65
CA LYS B 64 -10.23 -13.16 -28.91
C LYS B 64 -9.26 -13.82 -29.87
N ASN B 65 -8.02 -13.31 -29.90
CA ASN B 65 -7.00 -13.78 -30.84
C ASN B 65 -6.20 -14.94 -30.29
N LYS B 66 -6.61 -15.49 -29.14
CA LYS B 66 -6.01 -16.69 -28.54
C LYS B 66 -4.53 -16.48 -28.24
N LEU B 67 -4.20 -15.26 -27.83
CA LEU B 67 -2.83 -14.93 -27.55
C LEU B 67 -2.40 -15.24 -26.12
N CYS B 68 -3.30 -15.68 -25.24
CA CYS B 68 -2.98 -16.05 -23.86
C CYS B 68 -3.09 -17.57 -23.65
N LYS B 69 -2.09 -18.15 -23.02
CA LYS B 69 -2.26 -19.48 -22.46
C LYS B 69 -2.87 -19.42 -21.05
N LYS B 70 -2.68 -18.31 -20.33
CA LYS B 70 -3.20 -18.19 -18.98
C LYS B 70 -3.55 -16.76 -18.63
N VAL B 71 -4.64 -16.60 -17.88
CA VAL B 71 -4.99 -15.32 -17.28
C VAL B 71 -5.18 -15.49 -15.77
N ILE B 72 -4.53 -14.62 -15.00
CA ILE B 72 -4.75 -14.47 -13.57
C ILE B 72 -5.58 -13.19 -13.40
N VAL B 73 -6.86 -13.35 -13.11
CA VAL B 73 -7.83 -12.26 -13.06
C VAL B 73 -8.76 -12.49 -11.88
N SER B 74 -9.65 -11.54 -11.64
CA SER B 74 -10.70 -11.72 -10.65
C SER B 74 -12.06 -11.92 -11.26
N HIS B 75 -12.21 -11.63 -12.55
CA HIS B 75 -13.54 -11.66 -13.12
C HIS B 75 -13.45 -11.85 -14.62
N ILE B 76 -14.32 -12.70 -15.15
CA ILE B 76 -14.30 -13.03 -16.56
C ILE B 76 -15.71 -13.06 -17.12
N GLY B 77 -16.69 -12.70 -16.31
CA GLY B 77 -18.08 -12.90 -16.70
C GLY B 77 -18.68 -11.93 -17.68
N THR B 78 -18.03 -10.82 -17.99
CA THR B 78 -18.43 -9.98 -19.11
C THR B 78 -17.87 -10.48 -20.43
N ASN B 79 -17.00 -11.50 -20.44
CA ASN B 79 -16.38 -11.97 -21.69
C ASN B 79 -16.71 -13.44 -21.93
N PRO B 80 -17.75 -13.75 -22.68
CA PRO B 80 -18.05 -15.17 -22.99
C PRO B 80 -16.92 -15.94 -23.66
N GLU B 81 -16.14 -15.31 -24.54
CA GLU B 81 -15.03 -16.02 -25.19
C GLU B 81 -13.96 -16.47 -24.20
N THR B 82 -13.70 -15.69 -23.13
CA THR B 82 -12.81 -16.18 -22.10
C THR B 82 -13.37 -17.43 -21.44
N GLN B 83 -14.69 -17.49 -21.28
CA GLN B 83 -15.33 -18.62 -20.64
C GLN B 83 -15.33 -19.85 -21.55
N ARG B 84 -15.50 -19.62 -22.85
CA ARG B 84 -15.49 -20.72 -23.81
C ARG B 84 -14.10 -21.34 -23.91
N GLN B 85 -13.05 -20.51 -24.00
CA GLN B 85 -11.70 -21.08 -23.99
C GLN B 85 -11.36 -21.73 -22.65
N MET B 86 -11.92 -21.20 -21.57
CA MET B 86 -11.70 -21.81 -20.26
C MET B 86 -12.28 -23.22 -20.23
N ILE B 87 -13.54 -23.35 -20.67
CA ILE B 87 -14.24 -24.62 -20.64
C ILE B 87 -13.55 -25.67 -21.53
N GLU B 88 -12.94 -25.26 -22.65
CA GLU B 88 -12.29 -26.24 -23.51
C GLU B 88 -10.90 -26.64 -23.02
N GLY B 89 -10.34 -25.98 -22.01
CA GLY B 89 -9.01 -26.32 -21.54
C GLY B 89 -7.88 -25.57 -22.20
N THR B 90 -8.17 -24.83 -23.27
CA THR B 90 -7.12 -24.10 -23.97
C THR B 90 -6.54 -22.96 -23.15
N LEU B 91 -7.37 -22.34 -22.32
CA LEU B 91 -6.98 -21.20 -21.52
C LEU B 91 -7.06 -21.58 -20.06
N GLU B 92 -5.94 -21.44 -19.36
CA GLU B 92 -5.88 -21.63 -17.93
C GLU B 92 -6.36 -20.36 -17.22
N VAL B 93 -7.45 -20.47 -16.47
CA VAL B 93 -8.05 -19.36 -15.75
C VAL B 93 -7.82 -19.56 -14.24
N GLU B 94 -6.89 -18.78 -13.68
CA GLU B 94 -6.73 -18.65 -12.24
C GLU B 94 -7.52 -17.45 -11.69
N LEU B 95 -8.52 -17.74 -10.87
CA LEU B 95 -9.34 -16.69 -10.29
C LEU B 95 -8.86 -16.28 -8.91
N VAL B 96 -8.68 -14.97 -8.74
CA VAL B 96 -8.16 -14.39 -7.49
C VAL B 96 -9.14 -13.31 -7.05
N PRO B 97 -9.46 -13.24 -5.76
CA PRO B 97 -10.33 -12.16 -5.30
C PRO B 97 -9.67 -10.81 -5.55
N GLN B 98 -10.47 -9.86 -6.03
CA GLN B 98 -9.89 -8.62 -6.52
C GLN B 98 -8.97 -7.99 -5.50
N GLY B 99 -9.40 -7.93 -4.26
CA GLY B 99 -8.57 -7.30 -3.24
C GLY B 99 -7.28 -8.04 -2.97
N THR B 100 -7.33 -9.37 -2.98
CA THR B 100 -6.12 -10.18 -2.85
C THR B 100 -5.17 -9.98 -4.03
N LEU B 101 -5.74 -9.85 -5.23
CA LEU B 101 -4.93 -9.56 -6.42
C LEU B 101 -4.20 -8.24 -6.28
N ALA B 102 -4.91 -7.21 -5.83
CA ALA B 102 -4.29 -5.92 -5.57
C ALA B 102 -3.17 -6.07 -4.54
N GLU B 103 -3.35 -6.89 -3.51
CA GLU B 103 -2.28 -6.97 -2.51
C GLU B 103 -1.16 -7.91 -2.98
N ARG B 104 -1.47 -8.92 -3.76
CA ARG B 104 -0.41 -9.80 -4.27
C ARG B 104 0.50 -9.07 -5.27
N ILE B 105 -0.09 -8.21 -6.11
CA ILE B 105 0.75 -7.43 -6.99
C ILE B 105 1.54 -6.39 -6.20
N ARG B 106 0.89 -5.73 -5.24
CA ARG B 106 1.60 -4.71 -4.47
C ARG B 106 2.74 -5.31 -3.66
N ALA B 107 2.54 -6.54 -3.13
CA ALA B 107 3.61 -7.20 -2.39
C ALA B 107 4.85 -7.37 -3.27
N ALA B 108 4.67 -7.74 -4.53
CA ALA B 108 5.82 -7.84 -5.43
C ALA B 108 6.47 -6.49 -5.65
N GLY B 109 5.66 -5.43 -5.74
CA GLY B 109 6.20 -4.12 -6.03
C GLY B 109 6.96 -3.53 -4.86
N VAL B 110 6.57 -3.85 -3.62
CA VAL B 110 7.19 -3.23 -2.46
C VAL B 110 8.14 -4.14 -1.71
N GLY B 111 8.35 -5.35 -2.22
CA GLY B 111 9.38 -6.22 -1.69
C GLY B 111 9.00 -7.04 -0.48
N LEU B 112 7.71 -7.38 -0.34
CA LEU B 112 7.22 -8.31 0.67
C LEU B 112 7.18 -9.73 0.10
N GLY B 113 7.34 -10.71 0.99
CA GLY B 113 7.24 -12.11 0.55
C GLY B 113 5.86 -12.68 0.52
N GLY B 114 4.88 -11.88 0.91
CA GLY B 114 3.52 -12.35 1.05
C GLY B 114 2.73 -11.47 2.00
N ILE B 115 1.41 -11.66 1.95
CA ILE B 115 0.51 -10.96 2.87
C ILE B 115 -0.51 -11.98 3.37
N LEU B 116 -0.96 -11.76 4.60
CA LEU B 116 -2.02 -12.56 5.21
C LEU B 116 -3.34 -11.86 4.99
N THR B 117 -4.28 -12.52 4.30
CA THR B 117 -5.59 -11.87 4.17
C THR B 117 -6.73 -12.76 4.65
N PRO B 118 -7.76 -12.19 5.31
CA PRO B 118 -8.95 -12.98 5.71
C PRO B 118 -9.92 -13.25 4.59
N THR B 119 -9.73 -12.63 3.43
CA THR B 119 -10.60 -12.89 2.29
C THR B 119 -10.36 -14.28 1.74
N GLY B 120 -11.43 -14.95 1.36
CA GLY B 120 -11.32 -16.31 0.85
C GLY B 120 -11.17 -17.39 1.92
N VAL B 121 -10.97 -17.05 3.19
CA VAL B 121 -10.87 -18.08 4.23
C VAL B 121 -12.15 -18.92 4.20
N GLY B 122 -11.99 -20.24 4.18
CA GLY B 122 -13.15 -21.10 4.20
C GLY B 122 -13.90 -21.23 2.88
N THR B 123 -13.28 -20.88 1.75
CA THR B 123 -13.93 -20.99 0.45
C THR B 123 -13.06 -21.82 -0.50
N VAL B 124 -13.42 -21.89 -1.78
CA VAL B 124 -12.54 -22.58 -2.72
C VAL B 124 -11.18 -21.90 -2.80
N VAL B 125 -11.09 -20.60 -2.48
CA VAL B 125 -9.80 -19.93 -2.57
C VAL B 125 -8.78 -20.54 -1.63
N GLU B 126 -9.23 -21.12 -0.51
CA GLU B 126 -8.29 -21.62 0.49
C GLU B 126 -7.49 -22.81 -0.03
N LYS B 127 -7.98 -23.45 -1.08
CA LYS B 127 -7.26 -24.57 -1.68
C LYS B 127 -5.79 -24.23 -1.88
N ASP B 128 -4.92 -25.08 -1.35
CA ASP B 128 -3.49 -25.03 -1.66
C ASP B 128 -2.85 -23.73 -1.23
N LYS B 129 -3.36 -23.16 -0.14
CA LYS B 129 -2.77 -21.99 0.49
C LYS B 129 -2.46 -22.35 1.94
N LYS B 130 -1.25 -22.01 2.39
CA LYS B 130 -0.96 -22.03 3.82
C LYS B 130 -1.94 -21.13 4.57
N VAL B 131 -2.39 -21.61 5.74
CA VAL B 131 -3.29 -20.90 6.62
C VAL B 131 -2.53 -20.53 7.88
N ILE B 132 -2.74 -19.33 8.37
CA ILE B 132 -1.97 -18.81 9.51
C ILE B 132 -2.94 -18.18 10.48
N GLU B 133 -2.85 -18.61 11.74
CA GLU B 133 -3.66 -18.03 12.80
C GLU B 133 -2.87 -16.94 13.49
N VAL B 134 -3.49 -15.78 13.61
CA VAL B 134 -2.92 -14.65 14.35
C VAL B 134 -3.97 -14.25 15.36
N GLU B 135 -3.58 -14.23 16.64
CA GLU B 135 -4.50 -13.83 17.70
C GLU B 135 -5.86 -14.51 17.51
N GLY B 136 -5.80 -15.81 17.24
CA GLY B 136 -7.00 -16.62 17.18
C GLY B 136 -7.90 -16.39 15.99
N LYS B 137 -7.38 -15.79 14.90
CA LYS B 137 -8.11 -15.68 13.65
C LYS B 137 -7.28 -16.26 12.53
N LYS B 138 -8.00 -16.81 11.55
CA LYS B 138 -7.38 -17.47 10.42
C LYS B 138 -7.21 -16.50 9.25
N TYR B 139 -6.07 -16.61 8.54
CA TYR B 139 -5.79 -15.87 7.32
C TYR B 139 -5.17 -16.83 6.31
N LEU B 140 -5.44 -16.57 5.03
CA LEU B 140 -4.77 -17.27 3.94
C LEU B 140 -3.49 -16.54 3.58
N LEU B 141 -2.38 -17.27 3.48
CA LEU B 141 -1.13 -16.69 3.02
C LEU B 141 -1.23 -16.55 1.51
N GLU B 142 -1.00 -15.33 1.01
CA GLU B 142 -1.15 -15.02 -0.42
C GLU B 142 0.16 -14.43 -0.92
N LEU B 143 0.58 -14.86 -2.09
CA LEU B 143 1.99 -14.71 -2.38
C LEU B 143 2.22 -13.71 -3.50
N PRO B 144 3.40 -13.09 -3.57
CA PRO B 144 3.62 -12.01 -4.54
C PRO B 144 3.55 -12.47 -5.99
N ILE B 145 2.96 -11.64 -6.82
CA ILE B 145 2.82 -11.91 -8.24
C ILE B 145 3.80 -11.01 -8.99
N HIS B 146 4.74 -11.63 -9.69
CA HIS B 146 5.73 -10.97 -10.51
C HIS B 146 5.34 -11.04 -11.99
N ALA B 147 5.90 -10.11 -12.77
CA ALA B 147 5.73 -10.14 -14.23
C ALA B 147 6.98 -9.60 -14.92
N ASP B 148 7.16 -10.02 -16.17
CA ASP B 148 8.28 -9.50 -16.98
C ASP B 148 8.07 -8.02 -17.31
N VAL B 149 6.89 -7.68 -17.81
CA VAL B 149 6.56 -6.33 -18.24
C VAL B 149 5.19 -5.91 -17.72
N ALA B 150 5.08 -4.66 -17.29
CA ALA B 150 3.78 -4.05 -17.01
C ALA B 150 3.41 -3.10 -18.14
N LEU B 151 2.23 -3.29 -18.70
CA LEU B 151 1.64 -2.40 -19.69
C LEU B 151 0.50 -1.63 -19.03
N ILE B 152 0.75 -0.34 -18.78
CA ILE B 152 -0.13 0.50 -18.01
C ILE B 152 -0.55 1.66 -18.89
N LYS B 153 -1.64 2.26 -18.47
CA LYS B 153 -2.20 3.46 -19.08
C LYS B 153 -2.23 4.56 -18.05
N ALA B 154 -1.90 5.77 -18.47
CA ALA B 154 -2.02 6.96 -17.66
C ALA B 154 -2.50 8.13 -18.51
N LYS B 155 -2.97 9.17 -17.81
CA LYS B 155 -3.47 10.36 -18.50
C LYS B 155 -2.34 11.23 -19.04
N LYS B 156 -1.36 11.57 -18.20
CA LYS B 156 -0.24 12.45 -18.56
C LYS B 156 1.07 11.87 -18.03
N ALA B 157 2.14 12.15 -18.78
CA ALA B 157 3.52 12.07 -18.32
C ALA B 157 4.25 13.39 -18.51
N ASP B 158 5.09 13.76 -17.55
CA ASP B 158 5.95 14.89 -17.80
C ASP B 158 7.24 14.45 -18.52
N TYR B 159 8.14 15.41 -18.78
CA TYR B 159 9.34 15.06 -19.56
C TYR B 159 10.19 14.02 -18.85
N LEU B 160 10.13 13.98 -17.52
CA LEU B 160 10.86 13.02 -16.71
C LEU B 160 10.14 11.69 -16.56
N GLY B 161 8.94 11.57 -17.11
CA GLY B 161 8.23 10.33 -17.02
C GLY B 161 7.32 10.16 -15.80
N ASN B 162 7.21 11.16 -14.92
CA ASN B 162 6.22 11.10 -13.84
C ASN B 162 4.82 11.04 -14.43
N LEU B 163 3.94 10.27 -13.81
CA LEU B 163 2.61 9.98 -14.33
C LEU B 163 1.53 10.42 -13.36
N VAL B 164 0.41 10.89 -13.89
CA VAL B 164 -0.84 11.08 -13.15
C VAL B 164 -1.91 10.29 -13.88
N TYR B 165 -2.94 9.87 -13.15
CA TYR B 165 -4.06 9.09 -13.68
C TYR B 165 -5.34 9.92 -13.53
N ASN B 166 -6.39 9.47 -14.20
CA ASN B 166 -7.66 10.17 -14.25
C ASN B 166 -8.82 9.33 -13.71
N LEU B 167 -9.30 9.68 -12.52
CA LEU B 167 -10.58 9.18 -11.98
C LEU B 167 -10.53 7.67 -11.89
N THR B 168 -11.55 6.92 -12.34
CA THR B 168 -11.57 5.48 -12.12
C THR B 168 -10.73 4.70 -13.16
N ALA B 169 -9.99 5.41 -14.01
CA ALA B 169 -9.01 4.74 -14.86
C ALA B 169 -7.75 4.37 -14.10
N GLU B 170 -7.57 4.83 -12.85
CA GLU B 170 -6.35 4.53 -12.08
C GLU B 170 -6.24 3.04 -11.71
N ASN B 171 -7.27 2.49 -11.04
CA ASN B 171 -7.36 1.10 -10.56
C ASN B 171 -6.00 0.39 -10.41
N PHE B 172 -5.70 -0.60 -11.23
CA PHE B 172 -4.47 -1.37 -11.02
C PHE B 172 -3.18 -0.77 -11.58
N ASN B 173 -3.25 0.26 -12.41
CA ASN B 173 -2.06 0.75 -13.10
C ASN B 173 -0.88 1.12 -12.21
N PRO B 174 -1.02 1.98 -11.18
CA PRO B 174 0.16 2.31 -10.39
C PRO B 174 0.70 1.15 -9.59
N ILE B 175 -0.13 0.17 -9.25
CA ILE B 175 0.33 -1.01 -8.51
C ILE B 175 1.20 -1.85 -9.42
N MET B 176 0.73 -2.08 -10.64
CA MET B 176 1.47 -2.92 -11.58
C MET B 176 2.78 -2.25 -11.97
N ALA B 177 2.81 -0.90 -11.99
CA ALA B 177 4.04 -0.19 -12.35
C ALA B 177 5.18 -0.51 -11.38
N LEU B 178 4.85 -0.83 -10.12
CA LEU B 178 5.89 -1.17 -9.15
C LEU B 178 6.32 -2.64 -9.24
N ALA B 179 5.47 -3.49 -9.78
CA ALA B 179 5.66 -4.92 -9.59
C ALA B 179 6.44 -5.62 -10.69
N ALA B 180 6.50 -5.08 -11.89
CA ALA B 180 7.10 -5.80 -13.01
C ALA B 180 8.55 -5.37 -13.19
N LYS B 181 9.29 -6.18 -13.94
CA LYS B 181 10.68 -5.86 -14.27
C LYS B 181 10.76 -4.65 -15.20
N THR B 182 9.95 -4.63 -16.23
CA THR B 182 9.96 -3.51 -17.13
C THR B 182 8.57 -2.89 -17.19
N VAL B 183 8.52 -1.57 -17.29
CA VAL B 183 7.26 -0.85 -17.22
C VAL B 183 7.12 0.00 -18.47
N ILE B 184 6.06 -0.25 -19.25
CA ILE B 184 5.78 0.50 -20.46
C ILE B 184 4.42 1.19 -20.26
N ALA B 185 4.44 2.52 -20.27
CA ALA B 185 3.26 3.34 -20.03
C ALA B 185 2.76 3.99 -21.33
N GLU B 186 1.53 3.64 -21.68
CA GLU B 186 0.75 4.38 -22.67
C GLU B 186 0.08 5.61 -22.05
N VAL B 187 0.39 6.79 -22.57
CA VAL B 187 -0.13 8.04 -22.01
C VAL B 187 -0.75 8.90 -23.09
N GLU B 188 -1.73 9.72 -22.68
CA GLU B 188 -2.48 10.51 -23.67
C GLU B 188 -1.77 11.80 -24.04
N GLU B 189 -0.93 12.33 -23.16
CA GLU B 189 -0.31 13.63 -23.35
C GLU B 189 1.04 13.68 -22.65
N ILE B 190 2.03 14.34 -23.28
CA ILE B 190 3.32 14.66 -22.65
C ILE B 190 3.27 16.11 -22.25
N VAL B 191 3.55 16.42 -21.00
CA VAL B 191 3.49 17.79 -20.52
C VAL B 191 4.87 18.13 -19.94
N PRO B 192 5.18 19.43 -19.88
CA PRO B 192 6.46 19.89 -19.33
C PRO B 192 6.64 19.53 -17.85
N THR B 193 7.89 19.27 -17.49
CA THR B 193 8.25 19.11 -16.09
C THR B 193 7.82 20.35 -15.35
N GLY B 194 7.17 20.15 -14.22
CA GLY B 194 6.63 21.25 -13.47
C GLY B 194 5.16 21.45 -13.65
N THR B 195 4.54 20.79 -14.63
CA THR B 195 3.09 20.78 -14.78
C THR B 195 2.46 19.90 -13.71
N LEU B 196 3.06 18.74 -13.43
CA LEU B 196 2.61 17.85 -12.38
C LEU B 196 3.41 18.11 -11.11
N SER B 197 2.69 18.45 -10.06
CA SER B 197 3.23 18.79 -8.77
C SER B 197 3.80 17.60 -8.03
N PRO B 198 4.77 17.83 -7.17
CA PRO B 198 5.25 16.71 -6.34
C PRO B 198 4.12 16.10 -5.50
N ASN B 199 3.10 16.90 -5.14
CA ASN B 199 1.98 16.42 -4.34
C ASN B 199 0.94 15.65 -5.13
N GLU B 200 1.00 15.67 -6.47
CA GLU B 200 0.00 15.08 -7.36
C GLU B 200 0.45 13.84 -8.11
N ILE B 201 1.72 13.72 -8.43
CA ILE B 201 2.21 12.58 -9.19
C ILE B 201 1.89 11.31 -8.43
N LYS B 202 1.52 10.24 -9.15
CA LYS B 202 1.24 8.96 -8.50
C LYS B 202 2.25 7.87 -8.83
N THR B 203 2.97 8.02 -9.93
CA THR B 203 3.99 7.07 -10.29
C THR B 203 5.23 7.84 -10.71
N PRO B 204 6.37 7.70 -9.98
CA PRO B 204 7.60 8.42 -10.37
C PRO B 204 8.16 7.92 -11.70
N GLY B 205 8.74 8.87 -12.48
CA GLY B 205 9.31 8.50 -13.77
C GLY B 205 10.46 7.50 -13.68
N ILE B 206 11.16 7.50 -12.55
CA ILE B 206 12.27 6.59 -12.33
C ILE B 206 11.81 5.16 -12.47
N ILE B 207 10.54 4.84 -12.19
CA ILE B 207 10.15 3.43 -12.39
C ILE B 207 9.54 3.13 -13.76
N VAL B 208 9.39 4.13 -14.62
CA VAL B 208 8.77 3.95 -15.92
C VAL B 208 9.91 3.82 -16.94
N ASP B 209 9.95 2.71 -17.70
CA ASP B 209 11.08 2.43 -18.59
C ASP B 209 10.87 3.00 -19.97
N TYR B 210 9.67 2.83 -20.51
CA TYR B 210 9.29 3.37 -21.81
C TYR B 210 7.87 3.95 -21.79
N ILE B 211 7.64 4.97 -22.63
CA ILE B 211 6.34 5.59 -22.85
C ILE B 211 5.98 5.55 -24.32
N VAL B 212 4.72 5.19 -24.58
CA VAL B 212 4.11 5.11 -25.89
C VAL B 212 3.05 6.20 -25.96
N THR B 213 2.95 6.79 -27.14
CA THR B 213 2.37 8.09 -27.55
C THR B 213 2.18 9.28 -26.61
N ASN C 2 40.55 15.23 4.97
CA ASN C 2 40.88 14.72 3.62
C ASN C 2 40.40 13.28 3.40
N PRO C 3 40.61 12.37 4.35
CA PRO C 3 40.13 10.99 4.13
C PRO C 3 38.63 10.89 3.90
N LYS C 4 37.81 11.69 4.61
CA LYS C 4 36.37 11.71 4.35
C LYS C 4 36.10 12.25 2.95
N GLU C 5 36.96 13.15 2.45
CA GLU C 5 36.85 13.66 1.09
C GLU C 5 37.36 12.64 0.09
N LYS C 6 38.46 11.95 0.42
CA LYS C 6 38.96 10.90 -0.46
C LYS C 6 37.90 9.83 -0.68
N ILE C 7 37.20 9.43 0.37
CA ILE C 7 36.19 8.42 0.22
C ILE C 7 35.02 8.94 -0.62
N ALA C 8 34.61 10.19 -0.38
CA ALA C 8 33.43 10.71 -1.07
C ALA C 8 33.67 10.80 -2.56
N ILE C 9 34.86 11.28 -2.94
CA ILE C 9 35.16 11.44 -4.36
C ILE C 9 35.15 10.09 -5.06
N ARG C 10 35.70 9.06 -4.40
CA ARG C 10 35.78 7.74 -5.03
C ARG C 10 34.41 7.10 -5.14
N VAL C 11 33.57 7.30 -4.13
CA VAL C 11 32.21 6.79 -4.22
C VAL C 11 31.44 7.52 -5.33
N ALA C 12 31.57 8.85 -5.43
CA ALA C 12 30.85 9.58 -6.48
C ALA C 12 31.20 9.07 -7.88
N GLN C 13 32.40 8.52 -8.06
CA GLN C 13 32.81 7.96 -9.35
C GLN C 13 32.04 6.70 -9.69
N GLU C 14 31.46 6.05 -8.68
CA GLU C 14 30.69 4.84 -8.87
C GLU C 14 29.30 5.11 -9.44
N LEU C 15 28.84 6.36 -9.43
CA LEU C 15 27.46 6.67 -9.78
C LEU C 15 27.29 6.79 -11.30
N LYS C 16 26.21 6.19 -11.81
CA LYS C 16 25.88 6.19 -13.22
C LYS C 16 24.66 7.08 -13.53
N LYS C 17 24.61 7.55 -14.76
CA LYS C 17 23.62 8.56 -15.12
C LYS C 17 22.18 8.03 -14.95
N GLY C 18 21.35 8.85 -14.32
CA GLY C 18 19.96 8.56 -14.14
C GLY C 18 19.60 7.55 -13.08
N GLN C 19 20.56 7.15 -12.24
CA GLN C 19 20.29 6.26 -11.13
C GLN C 19 19.53 7.01 -10.01
N LEU C 20 18.68 6.28 -9.31
CA LEU C 20 18.05 6.76 -8.06
C LEU C 20 18.95 6.37 -6.90
N VAL C 21 19.46 7.35 -6.16
CA VAL C 21 20.46 7.17 -5.13
C VAL C 21 19.94 7.69 -3.78
N ASN C 22 20.19 6.91 -2.73
CA ASN C 22 19.95 7.28 -1.35
C ASN C 22 21.28 7.38 -0.62
N LEU C 23 21.58 8.55 -0.13
CA LEU C 23 22.77 8.79 0.68
C LEU C 23 22.37 8.80 2.14
N GLY C 24 23.09 8.03 2.95
CA GLY C 24 22.89 8.07 4.38
C GLY C 24 23.47 9.33 4.98
N ILE C 25 23.00 9.68 6.18
CA ILE C 25 23.44 10.95 6.73
C ILE C 25 24.90 10.86 7.14
N GLY C 26 25.62 11.97 7.00
CA GLY C 26 27.01 12.01 7.45
C GLY C 26 28.02 11.87 6.35
N LEU C 27 28.90 10.88 6.47
CA LEU C 27 29.92 10.71 5.45
C LEU C 27 29.31 10.55 4.07
N PRO C 28 28.31 9.69 3.88
CA PRO C 28 27.78 9.53 2.51
C PRO C 28 27.20 10.79 1.87
N THR C 29 26.66 11.72 2.63
CA THR C 29 26.06 12.89 1.98
C THR C 29 27.12 13.78 1.36
N LEU C 30 28.38 13.65 1.79
CA LEU C 30 29.43 14.32 1.07
C LEU C 30 29.53 13.81 -0.35
N VAL C 31 29.02 12.60 -0.62
CA VAL C 31 29.10 12.08 -1.98
C VAL C 31 28.50 13.09 -2.95
N ALA C 32 27.47 13.81 -2.51
CA ALA C 32 26.73 14.68 -3.42
C ALA C 32 27.60 15.83 -3.92
N ASN C 33 28.57 16.28 -3.12
CA ASN C 33 29.42 17.38 -3.57
C ASN C 33 30.39 16.99 -4.68
N TYR C 34 30.50 15.71 -5.02
CA TYR C 34 31.60 15.27 -5.86
C TYR C 34 31.12 14.50 -7.09
N ILE C 35 29.87 14.62 -7.47
CA ILE C 35 29.40 13.94 -8.67
C ILE C 35 29.90 14.70 -9.89
N PRO C 36 30.28 14.01 -10.96
CA PRO C 36 30.76 14.72 -12.16
C PRO C 36 29.70 15.70 -12.60
N LYS C 37 30.13 16.87 -13.12
CA LYS C 37 29.20 17.84 -13.70
C LYS C 37 28.67 17.33 -15.03
N ASP C 38 28.70 16.00 -15.24
CA ASP C 38 28.16 15.40 -16.44
C ASP C 38 27.42 14.12 -16.11
N ILE C 39 27.22 13.80 -14.84
CA ILE C 39 26.35 12.71 -14.41
C ILE C 39 25.17 13.32 -13.67
N HIS C 40 23.97 13.08 -14.18
CA HIS C 40 22.75 13.52 -13.52
C HIS C 40 22.14 12.34 -12.77
N VAL C 41 22.00 12.49 -11.47
CA VAL C 41 21.37 11.44 -10.67
C VAL C 41 20.17 12.03 -9.91
N PHE C 42 19.32 11.13 -9.42
CA PHE C 42 18.12 11.46 -8.65
C PHE C 42 18.31 10.96 -7.24
N PHE C 43 18.09 11.83 -6.28
CA PHE C 43 18.28 11.50 -4.87
C PHE C 43 16.97 11.31 -4.16
N GLN C 44 16.85 10.18 -3.44
CA GLN C 44 15.75 9.77 -2.58
C GLN C 44 16.12 9.99 -1.11
N SER C 45 15.11 10.35 -0.32
CA SER C 45 15.20 10.45 1.12
C SER C 45 14.01 9.69 1.71
N GLU C 46 14.29 8.85 2.71
CA GLU C 46 13.30 7.92 3.23
C GLU C 46 12.05 8.63 3.78
N ASN C 47 12.17 9.86 4.23
CA ASN C 47 10.99 10.50 4.82
C ASN C 47 9.95 10.86 3.78
N GLY C 48 10.20 10.57 2.48
CA GLY C 48 9.20 10.66 1.45
C GLY C 48 9.43 11.60 0.27
N ILE C 49 10.63 11.64 -0.35
CA ILE C 49 10.89 12.47 -1.51
C ILE C 49 11.83 11.74 -2.46
N ILE C 50 11.49 11.78 -3.74
CA ILE C 50 12.39 11.54 -4.86
C ILE C 50 12.63 12.89 -5.51
N GLY C 51 13.88 13.22 -5.76
CA GLY C 51 14.22 14.48 -6.33
C GLY C 51 14.67 15.50 -5.35
N MET C 52 15.28 15.07 -4.26
CA MET C 52 15.87 15.99 -3.31
C MET C 52 16.98 16.80 -3.98
N GLY C 53 17.15 18.04 -3.50
CA GLY C 53 18.20 18.95 -3.91
C GLY C 53 18.94 19.54 -2.71
N PRO C 54 19.88 20.42 -2.98
CA PRO C 54 20.72 20.99 -1.91
C PRO C 54 19.91 21.90 -1.00
N ALA C 55 20.52 22.24 0.13
CA ALA C 55 19.85 23.09 1.08
C ALA C 55 19.46 24.43 0.45
N PRO C 56 18.36 25.01 0.90
CA PRO C 56 17.89 26.23 0.26
C PRO C 56 18.73 27.44 0.62
N LYS C 57 18.76 28.38 -0.31
CA LYS C 57 19.32 29.67 0.04
C LYS C 57 18.51 30.30 1.16
N GLU C 58 19.10 31.25 1.83
CA GLU C 58 18.42 31.81 3.00
C GLU C 58 17.12 32.49 2.58
N GLY C 59 16.02 32.24 3.34
CA GLY C 59 14.69 32.77 3.04
C GLY C 59 13.81 31.88 2.19
N TYR C 60 14.38 30.81 1.61
CA TYR C 60 13.71 29.95 0.66
C TYR C 60 13.30 28.62 1.28
N GLU C 61 13.42 28.53 2.60
CA GLU C 61 13.10 27.32 3.33
C GLU C 61 11.60 27.05 3.36
N ASN C 62 11.23 25.76 3.28
CA ASN C 62 9.86 25.31 3.53
C ASN C 62 9.82 24.38 4.75
N SER C 63 8.94 24.70 5.73
CA SER C 63 8.89 23.95 6.97
C SER C 63 8.52 22.49 6.75
N ASP C 64 7.95 22.16 5.59
CA ASP C 64 7.46 20.82 5.31
C ASP C 64 8.40 20.07 4.36
N LEU C 65 9.58 20.61 4.04
CA LEU C 65 10.49 19.99 3.06
C LEU C 65 11.86 19.81 3.73
N THR C 66 12.13 18.59 4.14
CA THR C 66 13.37 18.36 4.87
C THR C 66 13.98 17.07 4.35
N ASN C 67 15.24 16.83 4.76
CA ASN C 67 15.84 15.52 4.54
C ASN C 67 15.58 14.60 5.76
N ALA C 68 16.19 13.41 5.78
CA ALA C 68 15.93 12.46 6.88
C ALA C 68 16.55 12.90 8.20
N GLY C 69 17.28 13.99 8.22
CA GLY C 69 17.71 14.65 9.44
C GLY C 69 16.87 15.80 9.93
N ALA C 70 15.74 16.07 9.29
CA ALA C 70 14.90 17.23 9.54
C ALA C 70 15.57 18.54 9.14
N SER C 71 16.66 18.48 8.42
CA SER C 71 17.29 19.68 7.89
C SER C 71 16.59 20.17 6.62
N TYR C 72 16.52 21.47 6.46
CA TYR C 72 15.77 21.97 5.32
C TYR C 72 16.46 21.61 4.02
N ILE C 73 15.70 21.15 3.01
CA ILE C 73 16.22 20.90 1.66
C ILE C 73 15.32 21.63 0.65
N THR C 74 15.73 21.57 -0.62
CA THR C 74 14.91 21.92 -1.77
C THR C 74 14.40 20.65 -2.42
N ALA C 75 13.38 20.82 -3.26
CA ALA C 75 13.02 19.80 -4.24
C ALA C 75 13.31 20.36 -5.62
N LEU C 76 13.90 19.55 -6.46
CA LEU C 76 14.16 19.88 -7.85
C LEU C 76 12.93 19.65 -8.74
N PRO C 77 12.88 20.29 -9.93
CA PRO C 77 11.75 20.06 -10.84
C PRO C 77 11.58 18.59 -11.20
N GLY C 78 10.32 18.16 -11.15
CA GLY C 78 10.04 16.75 -11.35
C GLY C 78 10.07 15.87 -10.11
N ALA C 79 10.27 16.45 -8.93
CA ALA C 79 10.26 15.70 -7.68
C ALA C 79 8.86 15.12 -7.45
N MET C 80 8.81 14.00 -6.74
CA MET C 80 7.60 13.41 -6.18
C MET C 80 7.79 13.25 -4.67
N THR C 81 6.80 13.70 -3.90
CA THR C 81 6.77 13.44 -2.47
C THR C 81 5.65 12.42 -2.18
N PHE C 82 5.75 11.72 -1.05
CA PHE C 82 4.89 10.58 -0.83
C PHE C 82 5.00 10.07 0.62
N ASP C 83 4.08 9.17 0.96
CA ASP C 83 3.99 8.64 2.29
C ASP C 83 5.04 7.55 2.50
N SER C 84 5.20 7.19 3.77
CA SER C 84 6.23 6.28 4.19
C SER C 84 6.02 4.85 3.72
N ALA C 85 4.78 4.41 3.45
CA ALA C 85 4.56 3.09 2.87
C ALA C 85 5.15 3.04 1.48
N PHE C 86 4.82 4.06 0.66
CA PHE C 86 5.38 4.16 -0.68
C PHE C 86 6.88 4.31 -0.62
N SER C 87 7.38 5.13 0.29
CA SER C 87 8.81 5.38 0.33
C SER C 87 9.60 4.11 0.55
N PHE C 88 9.09 3.21 1.41
CA PHE C 88 9.78 1.97 1.68
C PHE C 88 9.44 0.89 0.72
N GLY C 89 8.36 1.07 -0.06
CA GLY C 89 8.18 0.28 -1.26
C GLY C 89 9.23 0.56 -2.30
N ILE C 90 9.68 1.82 -2.39
CA ILE C 90 10.74 2.13 -3.34
C ILE C 90 12.05 1.52 -2.85
N ILE C 91 12.27 1.55 -1.55
CA ILE C 91 13.52 1.06 -0.98
C ILE C 91 13.51 -0.47 -0.91
N ARG C 92 12.50 -1.04 -0.25
CA ARG C 92 12.48 -2.47 -0.07
C ARG C 92 12.27 -3.21 -1.37
N GLY C 93 11.58 -2.59 -2.34
CA GLY C 93 11.14 -3.27 -3.57
C GLY C 93 12.15 -3.31 -4.72
N GLY C 94 13.33 -2.81 -4.47
CA GLY C 94 14.41 -2.84 -5.45
C GLY C 94 14.33 -1.78 -6.54
N HIS C 95 13.69 -0.66 -6.26
CA HIS C 95 13.59 0.44 -7.20
C HIS C 95 14.65 1.47 -6.95
N LEU C 96 15.42 1.29 -5.87
CA LEU C 96 16.56 2.12 -5.51
C LEU C 96 17.81 1.51 -6.14
N ASP C 97 18.45 2.25 -7.03
CA ASP C 97 19.62 1.73 -7.73
C ASP C 97 20.82 1.65 -6.79
N VAL C 98 21.07 2.67 -5.97
CA VAL C 98 22.24 2.69 -5.10
C VAL C 98 21.93 3.28 -3.71
N THR C 99 22.45 2.64 -2.66
CA THR C 99 22.52 3.26 -1.36
C THR C 99 24.00 3.39 -1.02
N VAL C 100 24.39 4.55 -0.53
CA VAL C 100 25.67 4.81 0.11
C VAL C 100 25.38 5.00 1.58
N LEU C 101 25.98 4.15 2.43
CA LEU C 101 25.75 4.10 3.86
C LEU C 101 27.08 4.11 4.59
N GLY C 102 27.06 4.59 5.84
CA GLY C 102 28.24 4.57 6.66
C GLY C 102 28.41 3.20 7.25
N GLY C 103 29.54 3.00 7.92
CA GLY C 103 29.82 1.68 8.47
C GLY C 103 30.51 1.69 9.81
N LEU C 104 30.17 0.73 10.67
CA LEU C 104 30.95 0.42 11.87
C LEU C 104 31.84 -0.81 11.69
N GLN C 105 31.31 -1.89 11.12
CA GLN C 105 32.13 -3.03 10.73
C GLN C 105 31.57 -3.63 9.47
N VAL C 106 32.43 -4.20 8.64
CA VAL C 106 32.02 -5.04 7.50
C VAL C 106 32.91 -6.29 7.51
N ASP C 107 32.32 -7.46 7.43
CA ASP C 107 33.08 -8.70 7.53
C ASP C 107 33.28 -9.34 6.14
N GLU C 108 33.88 -10.55 6.11
CA GLU C 108 34.22 -11.14 4.82
C GLU C 108 33.03 -11.83 4.15
N GLU C 109 31.93 -12.02 4.88
CA GLU C 109 30.63 -12.42 4.34
C GLU C 109 29.94 -11.30 3.55
N GLY C 110 30.51 -10.09 3.56
CA GLY C 110 29.85 -8.95 2.99
C GLY C 110 28.83 -8.28 3.87
N HIS C 111 28.77 -8.66 5.16
CA HIS C 111 27.76 -8.22 6.11
C HIS C 111 28.14 -6.93 6.84
N LEU C 112 27.19 -5.98 6.89
CA LEU C 112 27.46 -4.66 7.47
C LEU C 112 26.80 -4.50 8.83
N ALA C 113 27.55 -3.92 9.75
CA ALA C 113 27.06 -3.50 11.05
C ALA C 113 27.15 -1.99 11.06
N ASN C 114 25.99 -1.30 11.15
CA ASN C 114 26.07 0.15 11.13
C ASN C 114 24.95 0.91 11.83
N TRP C 115 24.27 0.32 12.80
CA TRP C 115 23.23 1.04 13.51
C TRP C 115 23.42 1.16 15.02
N MET C 116 24.32 0.39 15.65
CA MET C 116 24.38 0.32 17.11
C MET C 116 25.69 -0.26 17.58
N ILE C 117 26.23 0.36 18.62
CA ILE C 117 27.33 -0.14 19.42
C ILE C 117 26.79 -0.40 20.83
N PRO C 118 26.73 -1.64 21.31
CA PRO C 118 26.16 -1.88 22.64
C PRO C 118 26.91 -1.12 23.72
N GLY C 119 26.14 -0.61 24.68
CA GLY C 119 26.70 0.12 25.80
C GLY C 119 27.15 1.52 25.46
N LYS C 120 26.94 1.98 24.23
CA LYS C 120 27.29 3.33 23.81
C LYS C 120 26.07 3.89 23.12
N MET C 121 25.99 3.61 21.81
CA MET C 121 24.90 4.09 20.96
C MET C 121 23.70 3.16 21.03
N ILE C 122 22.51 3.71 21.29
CA ILE C 122 21.26 2.98 21.03
C ILE C 122 20.29 3.95 20.38
N PRO C 123 20.56 4.34 19.13
CA PRO C 123 19.70 5.31 18.47
C PRO C 123 18.53 4.68 17.74
N GLY C 124 18.49 3.35 17.65
CA GLY C 124 17.54 2.65 16.83
C GLY C 124 18.01 2.63 15.39
N MET C 125 17.34 1.83 14.56
CA MET C 125 17.85 1.54 13.23
C MET C 125 17.21 2.31 12.09
N GLY C 126 16.16 3.09 12.36
CA GLY C 126 15.61 3.92 11.30
C GLY C 126 15.33 3.12 10.04
N GLY C 127 15.77 3.66 8.88
CA GLY C 127 15.65 3.02 7.60
C GLY C 127 16.79 2.10 7.19
N ALA C 128 17.84 2.00 8.02
CA ALA C 128 19.09 1.41 7.56
C ALA C 128 18.94 -0.07 7.22
N MET C 129 18.05 -0.80 7.90
CA MET C 129 17.87 -2.23 7.65
C MET C 129 17.14 -2.45 6.35
N ASP C 130 16.08 -1.66 6.11
CA ASP C 130 15.38 -1.77 4.82
C ASP C 130 16.30 -1.41 3.66
N LEU C 131 17.15 -0.38 3.83
CA LEU C 131 17.98 0.11 2.74
C LEU C 131 19.07 -0.89 2.39
N VAL C 132 19.70 -1.47 3.42
CA VAL C 132 20.73 -2.44 3.14
C VAL C 132 20.13 -3.68 2.48
N THR C 133 18.93 -4.08 2.90
CA THR C 133 18.30 -5.25 2.32
C THR C 133 17.79 -5.05 0.90
N GLY C 134 17.32 -3.85 0.57
CA GLY C 134 16.55 -3.72 -0.66
C GLY C 134 17.18 -2.98 -1.82
N ALA C 135 18.20 -2.20 -1.56
CA ALA C 135 18.85 -1.46 -2.63
C ALA C 135 19.40 -2.42 -3.69
N LYS C 136 19.41 -2.00 -4.94
CA LYS C 136 20.06 -2.83 -5.97
C LYS C 136 21.55 -2.97 -5.66
N LYS C 137 22.16 -1.93 -5.11
CA LYS C 137 23.56 -1.86 -4.80
C LYS C 137 23.80 -1.13 -3.48
N VAL C 138 24.53 -1.77 -2.56
CA VAL C 138 24.94 -1.14 -1.32
C VAL C 138 26.45 -0.83 -1.39
N ILE C 139 26.79 0.44 -1.19
CA ILE C 139 28.16 0.93 -1.16
C ILE C 139 28.41 1.41 0.26
N VAL C 140 29.31 0.73 0.98
CA VAL C 140 29.71 1.19 2.30
C VAL C 140 30.89 2.14 2.17
N ALA C 141 30.71 3.31 2.77
CA ALA C 141 31.67 4.40 2.74
C ALA C 141 32.11 4.63 4.18
N MET C 142 33.39 4.35 4.48
CA MET C 142 33.80 4.41 5.88
C MET C 142 35.32 4.51 5.99
N THR C 143 35.77 5.07 7.10
CA THR C 143 37.20 5.03 7.41
C THR C 143 37.64 3.59 7.63
N HIS C 144 38.88 3.28 7.20
CA HIS C 144 39.37 1.91 7.26
C HIS C 144 39.45 1.40 8.70
N THR C 145 39.82 2.27 9.65
CA THR C 145 40.03 1.84 11.02
C THR C 145 39.33 2.77 12.01
N ALA C 146 38.91 2.18 13.12
CA ALA C 146 38.42 2.90 14.30
C ALA C 146 39.60 3.14 15.24
N LYS C 147 40.40 4.15 14.91
CA LYS C 147 41.62 4.46 15.67
C LYS C 147 42.57 3.26 15.69
N GLY C 148 42.90 2.77 14.50
CA GLY C 148 43.83 1.68 14.33
C GLY C 148 43.23 0.30 14.48
N THR C 149 42.06 0.20 15.11
CA THR C 149 41.40 -1.09 15.26
C THR C 149 40.68 -1.41 13.96
N PRO C 150 40.98 -2.54 13.32
CA PRO C 150 40.40 -2.80 11.99
C PRO C 150 38.89 -2.84 12.05
N LYS C 151 38.29 -2.19 11.06
CA LYS C 151 36.84 -2.22 10.88
C LYS C 151 36.39 -3.25 9.86
N ILE C 152 37.28 -3.75 9.00
CA ILE C 152 36.97 -4.82 8.05
C ILE C 152 37.52 -6.12 8.64
N VAL C 153 36.61 -7.02 9.06
CA VAL C 153 36.95 -8.08 9.98
C VAL C 153 36.48 -9.41 9.44
N LYS C 154 36.96 -10.49 10.07
CA LYS C 154 36.53 -11.81 9.63
C LYS C 154 35.03 -11.99 9.84
N LYS C 155 34.56 -11.68 11.04
CA LYS C 155 33.13 -11.76 11.31
C LYS C 155 32.70 -10.67 12.27
N CYS C 156 31.51 -10.11 11.99
CA CYS C 156 30.98 -9.00 12.77
C CYS C 156 30.65 -9.41 14.21
N THR C 157 31.09 -8.58 15.13
CA THR C 157 30.78 -8.72 16.54
C THR C 157 29.69 -7.75 17.01
N LEU C 158 29.59 -6.58 16.39
CA LEU C 158 28.49 -5.65 16.59
C LEU C 158 27.26 -6.06 15.80
N PRO C 159 26.08 -5.60 16.22
CA PRO C 159 24.83 -6.14 15.64
C PRO C 159 24.71 -5.90 14.14
N LEU C 160 24.20 -6.91 13.46
CA LEU C 160 24.07 -6.86 12.01
C LEU C 160 22.96 -5.89 11.57
N THR C 161 23.26 -5.04 10.58
CA THR C 161 22.18 -4.29 9.91
C THR C 161 21.36 -5.19 8.99
N SER C 162 22.01 -6.19 8.38
CA SER C 162 21.41 -7.08 7.40
C SER C 162 22.34 -8.28 7.15
N ILE C 163 21.76 -9.37 6.65
CA ILE C 163 22.58 -10.48 6.15
C ILE C 163 22.92 -10.37 4.67
N ARG C 164 22.41 -9.33 3.99
CA ARG C 164 22.68 -9.12 2.58
C ARG C 164 24.14 -8.76 2.37
N LYS C 165 24.72 -9.32 1.33
CA LYS C 165 26.12 -9.04 1.00
C LYS C 165 26.22 -7.67 0.33
N VAL C 166 26.87 -6.72 0.99
CA VAL C 166 27.13 -5.45 0.34
C VAL C 166 28.00 -5.68 -0.89
N ASP C 167 27.95 -4.71 -1.80
CA ASP C 167 28.52 -4.81 -3.11
C ASP C 167 29.86 -4.12 -3.23
N LEU C 168 30.10 -3.09 -2.43
CA LEU C 168 31.34 -2.37 -2.50
C LEU C 168 31.62 -1.75 -1.16
N ILE C 169 32.90 -1.73 -0.82
CA ILE C 169 33.43 -1.05 0.34
C ILE C 169 34.44 -0.04 -0.16
N VAL C 170 34.27 1.20 0.22
CA VAL C 170 35.22 2.22 -0.14
C VAL C 170 35.69 2.88 1.14
N THR C 171 37.00 2.88 1.36
CA THR C 171 37.63 3.54 2.49
C THR C 171 38.70 4.51 1.99
N GLU C 172 39.36 5.20 2.91
CA GLU C 172 40.46 6.10 2.60
CA GLU C 172 40.45 6.10 2.58
C GLU C 172 41.66 5.38 2.01
N LEU C 173 41.69 4.05 2.07
CA LEU C 173 42.84 3.26 1.66
C LEU C 173 42.56 2.28 0.54
N ALA C 174 41.35 1.71 0.48
CA ALA C 174 41.10 0.65 -0.50
C ALA C 174 39.65 0.68 -0.99
N VAL C 175 39.45 -0.01 -2.10
CA VAL C 175 38.14 -0.33 -2.67
C VAL C 175 38.05 -1.84 -2.70
N ILE C 176 37.13 -2.38 -1.93
CA ILE C 176 36.96 -3.82 -1.78
C ILE C 176 35.57 -4.19 -2.21
N GLU C 177 35.47 -5.25 -3.02
CA GLU C 177 34.20 -5.80 -3.47
C GLU C 177 33.97 -7.19 -2.88
N PRO C 178 33.00 -7.37 -2.00
CA PRO C 178 32.66 -8.73 -1.57
C PRO C 178 32.23 -9.58 -2.76
N THR C 179 32.62 -10.85 -2.71
CA THR C 179 32.34 -11.83 -3.73
C THR C 179 32.03 -13.15 -3.04
N ASP C 180 31.65 -14.14 -3.84
CA ASP C 180 31.34 -15.48 -3.31
C ASP C 180 32.57 -16.16 -2.73
N GLU C 181 33.75 -15.74 -3.12
CA GLU C 181 34.98 -16.29 -2.60
C GLU C 181 35.60 -15.45 -1.49
N GLY C 182 34.89 -14.45 -0.98
CA GLY C 182 35.37 -13.54 0.04
C GLY C 182 35.56 -12.13 -0.45
N LEU C 183 36.42 -11.40 0.24
CA LEU C 183 36.62 -10.00 -0.10
C LEU C 183 37.69 -9.86 -1.16
N LEU C 184 37.39 -9.12 -2.23
CA LEU C 184 38.30 -8.87 -3.33
C LEU C 184 38.74 -7.41 -3.34
N LEU C 185 40.03 -7.20 -3.07
CA LEU C 185 40.66 -5.89 -3.10
C LEU C 185 41.02 -5.52 -4.52
N LYS C 186 40.28 -4.54 -5.06
CA LYS C 186 40.42 -4.07 -6.42
C LYS C 186 41.32 -2.85 -6.57
N GLU C 187 41.42 -1.99 -5.55
CA GLU C 187 42.10 -0.72 -5.71
C GLU C 187 42.74 -0.32 -4.38
N ILE C 188 43.80 0.49 -4.46
CA ILE C 188 44.41 1.10 -3.28
C ILE C 188 44.78 2.55 -3.61
N SER C 189 44.80 3.35 -2.54
CA SER C 189 45.09 4.76 -2.63
C SER C 189 46.55 5.00 -3.04
N LYS C 190 46.74 6.05 -3.86
CA LYS C 190 48.08 6.46 -4.28
C LYS C 190 48.95 6.82 -3.08
N GLU C 191 48.35 7.19 -1.96
CA GLU C 191 49.09 7.61 -0.77
C GLU C 191 49.41 6.46 0.17
N THR C 192 49.02 5.23 -0.15
CA THR C 192 49.29 4.13 0.77
C THR C 192 50.09 3.04 0.06
N THR C 193 50.11 1.86 0.65
CA THR C 193 50.90 0.74 0.18
C THR C 193 50.11 -0.50 0.51
N LEU C 194 50.21 -1.52 -0.35
CA LEU C 194 49.42 -2.72 -0.15
C LEU C 194 49.73 -3.41 1.17
N ASP C 195 50.99 -3.38 1.61
CA ASP C 195 51.28 -4.00 2.89
C ASP C 195 50.49 -3.32 4.01
N GLU C 196 50.46 -1.99 4.02
CA GLU C 196 49.70 -1.27 5.04
C GLU C 196 48.20 -1.59 4.97
N VAL C 197 47.66 -1.73 3.76
CA VAL C 197 46.24 -2.04 3.65
C VAL C 197 45.93 -3.36 4.33
N LEU C 198 46.72 -4.39 4.02
CA LEU C 198 46.49 -5.70 4.62
C LEU C 198 46.77 -5.68 6.12
N LYS C 199 47.86 -5.03 6.53
CA LYS C 199 48.15 -4.81 7.95
C LYS C 199 46.93 -4.29 8.71
N LEU C 200 46.18 -3.35 8.11
CA LEU C 200 45.08 -2.69 8.80
C LEU C 200 43.74 -3.38 8.59
N THR C 201 43.74 -4.57 7.98
CA THR C 201 42.54 -5.38 7.73
C THR C 201 42.69 -6.73 8.41
N GLU C 202 41.85 -6.98 9.40
CA GLU C 202 41.81 -8.28 10.07
C GLU C 202 41.24 -9.38 9.18
N ALA C 203 40.35 -9.03 8.27
CA ALA C 203 39.77 -10.00 7.35
C ALA C 203 40.76 -10.36 6.27
N LYS C 204 40.54 -11.54 5.67
CA LYS C 204 41.39 -11.97 4.57
C LYS C 204 40.93 -11.36 3.24
N LEU C 205 41.86 -10.72 2.55
CA LEU C 205 41.65 -10.14 1.24
C LEU C 205 42.24 -11.01 0.13
N ILE C 206 41.43 -11.27 -0.88
CA ILE C 206 41.92 -11.73 -2.17
C ILE C 206 42.42 -10.49 -2.90
N ILE C 207 43.69 -10.49 -3.35
CA ILE C 207 44.24 -9.35 -4.09
C ILE C 207 43.98 -9.63 -5.55
N ALA C 208 43.63 -8.61 -6.31
CA ALA C 208 43.26 -8.84 -7.70
C ALA C 208 44.50 -8.79 -8.59
N ASP C 209 44.52 -9.64 -9.60
CA ASP C 209 45.47 -9.49 -10.69
C ASP C 209 45.40 -8.09 -11.28
N ASP C 210 44.21 -7.50 -11.28
CA ASP C 210 43.94 -6.22 -11.90
C ASP C 210 44.32 -5.02 -11.01
N LEU C 211 44.89 -5.24 -9.83
CA LEU C 211 44.84 -4.24 -8.78
C LEU C 211 45.18 -2.87 -9.30
N LYS C 212 44.30 -1.95 -9.00
CA LYS C 212 44.32 -0.59 -9.53
C LYS C 212 44.71 0.42 -8.45
N ILE C 213 45.16 1.59 -8.89
CA ILE C 213 45.53 2.69 -8.00
C ILE C 213 44.51 3.78 -8.20
N PHE C 214 43.90 4.21 -7.10
CA PHE C 214 42.81 5.16 -7.17
C PHE C 214 42.52 5.66 -5.78
N ALA C 215 41.65 4.93 -5.07
CA ALA C 215 41.31 5.30 -3.71
C ALA C 215 40.79 4.20 -2.82
N MET D 1 -20.85 17.20 12.97
CA MET D 1 -19.75 17.98 12.33
C MET D 1 -18.36 17.41 12.69
N LYS D 2 -17.37 17.54 11.80
CA LYS D 2 -16.03 17.01 12.10
C LYS D 2 -15.23 18.06 12.84
N VAL D 3 -15.37 19.35 12.50
CA VAL D 3 -14.51 20.35 13.13
C VAL D 3 -14.97 20.62 14.55
N VAL D 4 -14.04 20.60 15.49
CA VAL D 4 -14.32 20.78 16.90
C VAL D 4 -13.20 21.65 17.44
N ASP D 5 -13.41 22.16 18.65
CA ASP D 5 -12.41 22.97 19.33
C ASP D 5 -11.27 22.07 19.83
N ILE D 6 -10.07 22.65 19.89
CA ILE D 6 -8.92 21.88 20.33
C ILE D 6 -9.01 21.52 21.82
N SER D 7 -9.70 22.34 22.62
CA SER D 7 -9.89 22.05 24.05
C SER D 7 -10.56 20.71 24.27
N LYS D 8 -11.23 20.18 23.25
CA LYS D 8 -11.91 18.91 23.28
C LYS D 8 -10.97 17.72 23.32
N ILE D 9 -9.67 17.91 23.15
CA ILE D 9 -8.77 16.76 23.16
C ILE D 9 -8.87 16.00 24.48
N ASN D 10 -8.98 16.73 25.61
CA ASN D 10 -8.95 16.05 26.90
C ASN D 10 -10.05 15.02 26.99
N GLU D 11 -11.09 15.17 26.17
CA GLU D 11 -12.23 14.25 26.14
C GLU D 11 -12.07 13.03 25.23
N LEU D 12 -11.27 13.14 24.17
CA LEU D 12 -11.13 12.06 23.18
C LEU D 12 -9.87 11.24 23.39
N VAL D 13 -8.86 11.80 24.07
CA VAL D 13 -7.64 11.08 24.37
C VAL D 13 -7.63 10.76 25.85
N LYS D 14 -7.70 9.47 26.16
CA LYS D 14 -7.74 8.98 27.54
C LYS D 14 -6.36 8.66 28.13
N GLU D 15 -6.26 8.74 29.45
CA GLU D 15 -5.06 8.16 30.08
C GLU D 15 -4.99 6.70 29.64
N GLY D 16 -3.78 6.19 29.33
CA GLY D 16 -3.60 4.81 28.85
C GLY D 16 -3.99 4.54 27.41
N ALA D 17 -4.30 5.56 26.65
CA ALA D 17 -4.60 5.39 25.24
C ALA D 17 -3.37 4.90 24.48
N THR D 18 -3.60 3.99 23.54
CA THR D 18 -2.66 3.67 22.47
C THR D 18 -2.89 4.65 21.31
N LEU D 19 -1.85 5.40 20.99
CA LEU D 19 -1.93 6.49 20.03
C LEU D 19 -0.92 6.35 18.90
N MET D 20 -1.38 6.51 17.63
CA MET D 20 -0.43 6.76 16.52
C MET D 20 -0.33 8.28 16.33
N ILE D 21 0.85 8.77 16.09
CA ILE D 21 1.03 10.20 15.89
C ILE D 21 1.90 10.41 14.67
N GLY D 22 1.41 11.22 13.75
CA GLY D 22 2.12 11.46 12.54
C GLY D 22 3.35 12.32 12.74
N GLY D 23 4.21 12.25 11.72
CA GLY D 23 5.35 13.14 11.67
C GLY D 23 6.67 12.42 11.55
N PHE D 24 7.64 13.07 10.92
CA PHE D 24 8.99 12.58 10.78
C PHE D 24 9.90 13.60 11.43
N LEU D 25 10.50 13.22 12.54
CA LEU D 25 11.35 14.11 13.31
C LEU D 25 10.67 15.46 13.53
N GLY D 26 9.36 15.43 13.74
CA GLY D 26 8.59 16.63 14.02
C GLY D 26 7.99 17.30 12.80
N VAL D 27 8.32 16.86 11.61
CA VAL D 27 7.82 17.42 10.37
C VAL D 27 6.56 16.66 10.01
N GLY D 28 5.42 17.38 9.92
CA GLY D 28 4.12 16.75 9.80
C GLY D 28 3.57 16.19 11.08
N THR D 29 3.95 16.73 12.17
CA THR D 29 3.35 16.29 13.41
C THR D 29 2.30 17.29 13.86
N PRO D 30 1.23 16.83 14.56
CA PRO D 30 0.17 17.75 15.08
C PRO D 30 0.57 18.43 16.40
N GLU D 31 1.35 19.50 16.23
CA GLU D 31 1.95 20.19 17.36
C GLU D 31 0.88 20.70 18.34
N ASN D 32 -0.21 21.28 17.81
CA ASN D 32 -1.25 21.83 18.67
C ASN D 32 -1.92 20.73 19.48
N ILE D 33 -2.24 19.58 18.86
CA ILE D 33 -2.80 18.46 19.61
C ILE D 33 -1.81 18.00 20.67
N ILE D 34 -0.53 17.90 20.32
CA ILE D 34 0.46 17.47 21.31
C ILE D 34 0.49 18.46 22.46
N ASP D 35 0.35 19.75 22.15
CA ASP D 35 0.45 20.78 23.17
C ASP D 35 -0.72 20.69 24.16
N GLU D 36 -1.89 20.27 23.67
CA GLU D 36 -3.08 20.06 24.51
C GLU D 36 -2.92 18.87 25.46
N ILE D 37 -2.29 17.81 24.98
CA ILE D 37 -2.03 16.64 25.80
C ILE D 37 -1.08 17.00 26.93
N ILE D 38 -0.10 17.86 26.64
CA ILE D 38 0.79 18.30 27.70
C ILE D 38 0.03 19.19 28.67
N ARG D 39 -0.84 20.05 28.15
CA ARG D 39 -1.55 20.98 29.01
C ARG D 39 -2.38 20.23 30.04
N HIS D 40 -2.89 19.05 29.68
CA HIS D 40 -3.77 18.29 30.55
C HIS D 40 -3.16 17.01 31.11
N ASN D 41 -1.82 16.85 31.08
CA ASN D 41 -1.14 15.75 31.75
C ASN D 41 -1.80 14.43 31.44
N ILE D 42 -2.17 14.22 30.18
CA ILE D 42 -2.81 12.96 29.81
C ILE D 42 -1.70 11.93 29.69
N SER D 43 -1.72 10.91 30.55
CA SER D 43 -0.50 10.15 30.73
C SER D 43 -0.65 8.63 30.52
N ASN D 44 0.43 7.90 30.82
CA ASN D 44 0.48 6.46 30.57
C ASN D 44 0.10 6.09 29.15
N LEU D 45 0.59 6.91 28.21
CA LEU D 45 0.33 6.70 26.80
C LEU D 45 1.31 5.72 26.18
N THR D 46 0.81 4.96 25.22
CA THR D 46 1.64 4.21 24.30
C THR D 46 1.63 4.91 22.95
N VAL D 47 2.79 5.36 22.51
CA VAL D 47 2.88 6.16 21.29
C VAL D 47 3.59 5.36 20.20
N ILE D 48 2.87 5.12 19.13
CA ILE D 48 3.41 4.56 17.90
C ILE D 48 3.73 5.71 16.94
N ALA D 49 5.00 5.83 16.56
CA ALA D 49 5.44 6.89 15.66
C ALA D 49 6.75 6.50 14.99
N ASN D 50 7.16 7.30 14.00
CA ASN D 50 8.48 7.06 13.42
C ASN D 50 9.60 7.25 14.43
N ASP D 51 9.46 8.19 15.34
CA ASP D 51 10.54 8.57 16.22
C ASP D 51 9.96 9.39 17.38
N THR D 52 10.84 9.82 18.29
CA THR D 52 10.48 10.70 19.40
C THR D 52 11.02 12.10 19.19
N ALA D 53 11.32 12.43 17.94
CA ALA D 53 11.71 13.76 17.48
C ALA D 53 12.85 14.28 18.35
N PHE D 54 12.80 15.53 18.78
CA PHE D 54 13.82 16.14 19.61
C PHE D 54 13.24 16.45 20.98
N GLU D 55 14.10 16.82 21.90
CA GLU D 55 13.59 17.10 23.23
C GLU D 55 12.61 18.27 23.25
N ASP D 56 12.72 19.20 22.31
CA ASP D 56 11.95 20.42 22.38
C ASP D 56 10.80 20.45 21.42
N ARG D 57 10.56 19.37 20.68
CA ARG D 57 9.57 19.43 19.61
C ARG D 57 8.78 18.16 19.54
N GLY D 58 7.53 18.29 19.09
CA GLY D 58 6.79 17.12 18.64
C GLY D 58 6.56 16.07 19.72
N ILE D 59 6.65 14.81 19.32
CA ILE D 59 6.51 13.73 20.28
C ILE D 59 7.52 13.86 21.40
N GLY D 60 8.66 14.49 21.15
CA GLY D 60 9.64 14.61 22.21
C GLY D 60 9.09 15.37 23.41
N LYS D 61 8.20 16.32 23.17
CA LYS D 61 7.60 17.02 24.31
C LYS D 61 6.80 16.06 25.20
N LEU D 62 6.26 14.97 24.63
CA LEU D 62 5.57 14.00 25.46
C LEU D 62 6.53 13.21 26.36
N VAL D 63 7.69 12.84 25.83
CA VAL D 63 8.71 12.13 26.62
C VAL D 63 9.33 13.06 27.66
N LYS D 64 9.56 14.33 27.29
CA LYS D 64 10.12 15.27 28.24
C LYS D 64 9.22 15.40 29.47
N ASN D 65 7.90 15.34 29.26
CA ASN D 65 6.92 15.45 30.33
C ASN D 65 6.56 14.10 30.90
N LYS D 66 7.26 13.05 30.46
CA LYS D 66 7.11 11.69 30.96
C LYS D 66 5.67 11.21 30.85
N LEU D 67 4.96 11.61 29.80
CA LEU D 67 3.59 11.18 29.62
C LEU D 67 3.47 9.84 28.89
N CYS D 68 4.59 9.28 28.43
CA CYS D 68 4.58 7.99 27.78
C CYS D 68 5.05 6.89 28.72
N LYS D 69 4.34 5.76 28.72
CA LYS D 69 4.88 4.53 29.31
C LYS D 69 5.62 3.66 28.29
N LYS D 70 5.25 3.77 27.02
CA LYS D 70 5.86 2.97 25.96
C LYS D 70 5.86 3.73 24.65
N VAL D 71 6.95 3.62 23.88
CA VAL D 71 7.00 4.07 22.49
C VAL D 71 7.38 2.91 21.56
N ILE D 72 6.69 2.85 20.43
CA ILE D 72 6.92 1.90 19.35
C ILE D 72 7.36 2.73 18.14
N VAL D 73 8.67 2.81 17.93
CA VAL D 73 9.27 3.71 16.95
C VAL D 73 10.37 2.96 16.18
N SER D 74 10.95 3.66 15.18
CA SER D 74 12.15 3.18 14.49
C SER D 74 13.41 3.93 14.88
N HIS D 75 13.32 5.09 15.50
CA HIS D 75 14.51 5.87 15.78
C HIS D 75 14.29 6.72 17.02
N ILE D 76 15.30 6.75 17.89
CA ILE D 76 15.27 7.57 19.10
C ILE D 76 16.56 8.35 19.28
N GLY D 77 17.48 8.27 18.32
CA GLY D 77 18.84 8.78 18.48
C GLY D 77 18.95 10.29 18.57
N THR D 78 17.93 11.02 18.10
CA THR D 78 17.98 12.47 18.17
C THR D 78 17.52 13.04 19.50
N ASN D 79 17.02 12.20 20.42
CA ASN D 79 16.41 12.60 21.68
C ASN D 79 17.11 11.91 22.85
N PRO D 80 18.11 12.54 23.44
CA PRO D 80 18.81 11.92 24.59
C PRO D 80 17.91 11.64 25.79
N GLU D 81 16.84 12.43 25.96
CA GLU D 81 15.90 12.18 27.05
C GLU D 81 15.12 10.87 26.86
N THR D 82 14.84 10.46 25.63
CA THR D 82 14.24 9.15 25.41
C THR D 82 15.19 8.03 25.82
N GLN D 83 16.42 8.09 25.32
CA GLN D 83 17.39 7.06 25.63
C GLN D 83 17.62 7.00 27.14
N ARG D 84 17.75 8.17 27.79
CA ARG D 84 17.92 8.21 29.24
C ARG D 84 16.79 7.47 29.94
N GLN D 85 15.54 7.78 29.60
CA GLN D 85 14.41 7.07 30.20
C GLN D 85 14.40 5.59 29.83
N MET D 86 14.88 5.25 28.63
CA MET D 86 14.93 3.84 28.26
C MET D 86 15.95 3.09 29.12
N ILE D 87 17.15 3.66 29.24
CA ILE D 87 18.20 3.03 30.03
C ILE D 87 17.76 2.85 31.48
N GLU D 88 17.07 3.86 32.04
CA GLU D 88 16.63 3.83 33.42
C GLU D 88 15.43 2.91 33.62
N GLY D 89 14.80 2.45 32.54
CA GLY D 89 13.74 1.47 32.57
C GLY D 89 12.35 2.00 32.83
N THR D 90 12.18 3.33 32.92
CA THR D 90 10.85 3.90 33.07
C THR D 90 10.08 3.93 31.76
N LEU D 91 10.75 3.86 30.62
CA LEU D 91 10.08 3.91 29.32
C LEU D 91 10.39 2.62 28.58
N GLU D 92 9.35 1.88 28.22
CA GLU D 92 9.56 0.71 27.39
C GLU D 92 9.69 1.16 25.94
N VAL D 93 10.76 0.76 25.26
CA VAL D 93 10.97 1.18 23.89
C VAL D 93 11.04 -0.07 23.01
N GLU D 94 10.18 -0.13 21.99
CA GLU D 94 10.15 -1.22 21.01
C GLU D 94 10.64 -0.64 19.69
N LEU D 95 11.82 -1.08 19.25
CA LEU D 95 12.39 -0.60 18.00
C LEU D 95 11.87 -1.42 16.83
N VAL D 96 11.38 -0.74 15.81
CA VAL D 96 10.88 -1.40 14.61
C VAL D 96 11.57 -0.78 13.40
N PRO D 97 12.00 -1.59 12.44
CA PRO D 97 12.56 -1.05 11.21
C PRO D 97 11.52 -0.14 10.56
N GLN D 98 11.97 0.97 10.00
CA GLN D 98 11.01 2.02 9.60
C GLN D 98 10.08 1.52 8.50
N GLY D 99 10.60 0.71 7.58
CA GLY D 99 9.71 0.16 6.56
C GLY D 99 8.75 -0.89 7.06
N THR D 100 9.21 -1.72 8.00
CA THR D 100 8.34 -2.63 8.69
C THR D 100 7.27 -1.90 9.49
N LEU D 101 7.64 -0.79 10.13
CA LEU D 101 6.62 -0.01 10.85
C LEU D 101 5.53 0.52 9.91
N ALA D 102 5.91 1.04 8.74
CA ALA D 102 4.92 1.50 7.79
C ALA D 102 3.98 0.38 7.40
N GLU D 103 4.53 -0.79 7.07
CA GLU D 103 3.69 -1.88 6.57
C GLU D 103 2.80 -2.48 7.67
N ARG D 104 3.30 -2.58 8.89
CA ARG D 104 2.48 -3.14 9.96
C ARG D 104 1.32 -2.22 10.31
N ILE D 105 1.55 -0.91 10.25
CA ILE D 105 0.46 0.03 10.50
C ILE D 105 -0.52 -0.03 9.34
N ARG D 106 0.00 -0.03 8.12
CA ARG D 106 -0.86 -0.18 6.95
C ARG D 106 -1.64 -1.49 7.00
N ALA D 107 -1.01 -2.56 7.47
CA ALA D 107 -1.76 -3.81 7.49
C ALA D 107 -3.03 -3.66 8.30
N ALA D 108 -2.94 -3.02 9.47
CA ALA D 108 -4.11 -2.85 10.32
C ALA D 108 -5.17 -1.97 9.63
N GLY D 109 -4.71 -0.94 8.91
CA GLY D 109 -5.68 -0.06 8.28
C GLY D 109 -6.35 -0.69 7.09
N VAL D 110 -5.72 -1.70 6.53
CA VAL D 110 -6.11 -2.30 5.28
C VAL D 110 -6.76 -3.66 5.50
N GLY D 111 -6.81 -4.13 6.73
CA GLY D 111 -7.43 -5.41 7.00
C GLY D 111 -6.59 -6.67 6.74
N LEU D 112 -5.27 -6.56 6.66
CA LEU D 112 -4.43 -7.75 6.54
C LEU D 112 -4.12 -8.29 7.94
N GLY D 113 -3.96 -9.60 8.03
CA GLY D 113 -3.49 -10.22 9.25
C GLY D 113 -1.99 -10.14 9.41
N GLY D 114 -1.28 -9.71 8.40
CA GLY D 114 0.16 -9.67 8.49
C GLY D 114 0.82 -9.61 7.14
N ILE D 115 2.13 -9.34 7.18
CA ILE D 115 2.97 -9.21 6.01
C ILE D 115 4.27 -9.96 6.27
N LEU D 116 4.88 -10.48 5.21
CA LEU D 116 6.21 -11.08 5.31
C LEU D 116 7.21 -10.08 4.77
N THR D 117 8.20 -9.71 5.59
CA THR D 117 9.24 -8.83 5.08
C THR D 117 10.62 -9.49 5.16
N PRO D 118 11.48 -9.23 4.18
CA PRO D 118 12.86 -9.73 4.32
C PRO D 118 13.69 -8.89 5.26
N THR D 119 13.25 -7.68 5.58
CA THR D 119 14.07 -6.79 6.40
CA THR D 119 14.06 -6.78 6.42
C THR D 119 14.17 -7.31 7.84
N GLY D 120 15.38 -7.28 8.37
CA GLY D 120 15.65 -7.74 9.70
C GLY D 120 15.89 -9.23 9.88
N VAL D 121 15.77 -10.05 8.83
CA VAL D 121 16.12 -11.48 8.94
C VAL D 121 17.59 -11.60 9.34
N GLY D 122 17.89 -12.46 10.33
CA GLY D 122 19.25 -12.66 10.78
C GLY D 122 19.82 -11.50 11.58
N THR D 123 18.97 -10.57 12.05
CA THR D 123 19.39 -9.50 12.94
C THR D 123 18.66 -9.73 14.26
N VAL D 124 18.91 -8.85 15.24
CA VAL D 124 18.19 -8.93 16.50
C VAL D 124 16.69 -8.74 16.31
N VAL D 125 16.24 -8.14 15.20
CA VAL D 125 14.80 -7.98 15.06
C VAL D 125 14.09 -9.28 14.72
N GLU D 126 14.82 -10.35 14.34
CA GLU D 126 14.21 -11.68 14.14
C GLU D 126 13.73 -12.28 15.47
N LYS D 127 14.24 -11.80 16.59
CA LYS D 127 13.95 -12.43 17.89
C LYS D 127 12.45 -12.40 18.17
N ASP D 128 11.95 -13.53 18.64
CA ASP D 128 10.54 -13.71 18.96
C ASP D 128 9.61 -13.58 17.74
N LYS D 129 10.11 -13.62 16.53
CA LYS D 129 9.25 -13.58 15.36
C LYS D 129 9.15 -14.94 14.68
N LYS D 130 7.95 -15.24 14.16
CA LYS D 130 7.79 -16.38 13.26
C LYS D 130 8.57 -16.12 11.95
N VAL D 131 9.26 -17.16 11.47
CA VAL D 131 9.93 -17.11 10.18
C VAL D 131 9.13 -17.96 9.21
N ILE D 132 8.95 -17.47 8.00
CA ILE D 132 8.26 -18.20 6.96
C ILE D 132 9.12 -18.15 5.70
N GLU D 133 9.33 -19.30 5.09
CA GLU D 133 10.07 -19.43 3.85
C GLU D 133 9.10 -19.44 2.69
N VAL D 134 9.44 -18.73 1.61
CA VAL D 134 8.63 -18.67 0.40
C VAL D 134 9.60 -18.79 -0.77
N GLU D 135 9.63 -19.95 -1.42
CA GLU D 135 10.61 -20.18 -2.49
C GLU D 135 12.02 -20.00 -1.94
N GLY D 136 12.28 -20.65 -0.80
CA GLY D 136 13.63 -20.80 -0.29
C GLY D 136 14.28 -19.51 0.14
N LYS D 137 13.49 -18.47 0.40
CA LYS D 137 13.97 -17.23 0.98
C LYS D 137 13.26 -16.99 2.32
N LYS D 138 14.01 -16.51 3.31
CA LYS D 138 13.42 -16.32 4.62
C LYS D 138 12.80 -14.92 4.76
N TYR D 139 11.62 -14.88 5.36
CA TYR D 139 10.94 -13.63 5.69
C TYR D 139 10.49 -13.69 7.14
N LEU D 140 10.41 -12.54 7.79
CA LEU D 140 9.77 -12.43 9.09
C LEU D 140 8.29 -12.13 8.90
N LEU D 141 7.44 -12.82 9.66
CA LEU D 141 6.02 -12.45 9.75
C LEU D 141 5.94 -11.28 10.74
N GLU D 142 5.41 -10.15 10.27
CA GLU D 142 5.27 -8.96 11.09
C GLU D 142 3.79 -8.62 11.13
N LEU D 143 3.33 -8.21 12.29
CA LEU D 143 1.91 -8.27 12.59
C LEU D 143 1.29 -6.87 12.59
N PRO D 144 -0.01 -6.75 12.34
CA PRO D 144 -0.62 -5.41 12.31
C PRO D 144 -0.50 -4.70 13.65
N ILE D 145 -0.36 -3.38 13.57
CA ILE D 145 -0.22 -2.51 14.73
C ILE D 145 -1.45 -1.62 14.81
N HIS D 146 -2.27 -1.85 15.83
CA HIS D 146 -3.52 -1.11 16.00
C HIS D 146 -3.35 0.01 17.04
N ALA D 147 -4.32 0.95 17.05
CA ALA D 147 -4.27 2.00 18.07
C ALA D 147 -5.67 2.52 18.34
N ASP D 148 -5.84 3.12 19.55
CA ASP D 148 -7.12 3.76 19.87
C ASP D 148 -7.37 5.00 19.01
N VAL D 149 -6.36 5.87 18.89
CA VAL D 149 -6.55 7.15 18.20
C VAL D 149 -5.36 7.40 17.30
N ALA D 150 -5.62 7.93 16.10
CA ALA D 150 -4.58 8.46 15.24
C ALA D 150 -4.59 9.97 15.39
N LEU D 151 -3.48 10.52 15.82
CA LEU D 151 -3.33 11.96 15.83
C LEU D 151 -2.46 12.36 14.63
N ILE D 152 -3.10 12.91 13.61
CA ILE D 152 -2.43 13.21 12.34
C ILE D 152 -2.45 14.70 11.99
N LYS D 153 -1.53 15.08 11.10
CA LYS D 153 -1.45 16.44 10.61
C LYS D 153 -1.60 16.44 9.10
N ALA D 154 -2.33 17.44 8.59
CA ALA D 154 -2.60 17.62 7.18
C ALA D 154 -2.55 19.11 6.87
N LYS D 155 -2.36 19.38 5.60
CA LYS D 155 -2.22 20.75 5.17
C LYS D 155 -3.54 21.47 5.03
N LYS D 156 -4.53 20.82 4.44
CA LYS D 156 -5.86 21.37 4.22
C LYS D 156 -6.87 20.24 4.36
N ALA D 157 -8.07 20.59 4.81
CA ALA D 157 -9.28 19.77 4.67
C ALA D 157 -10.39 20.59 4.01
N ASP D 158 -11.22 19.92 3.22
CA ASP D 158 -12.37 20.53 2.58
C ASP D 158 -13.56 20.34 3.52
N TYR D 159 -14.72 20.87 3.15
CA TYR D 159 -15.84 20.88 4.10
C TYR D 159 -16.27 19.47 4.51
N LEU D 160 -16.01 18.48 3.67
CA LEU D 160 -16.32 17.09 3.92
C LEU D 160 -15.21 16.34 4.66
N GLY D 161 -14.14 17.00 5.03
CA GLY D 161 -13.08 16.31 5.74
C GLY D 161 -12.03 15.62 4.89
N ASN D 162 -12.12 15.68 3.57
CA ASN D 162 -11.02 15.22 2.73
C ASN D 162 -9.73 15.99 3.01
N LEU D 163 -8.60 15.29 3.03
CA LEU D 163 -7.31 15.86 3.35
C LEU D 163 -6.31 15.73 2.20
N VAL D 164 -5.37 16.69 2.17
CA VAL D 164 -4.15 16.67 1.37
C VAL D 164 -3.00 17.05 2.30
N TYR D 165 -1.85 16.56 1.98
CA TYR D 165 -0.63 16.75 2.72
C TYR D 165 0.30 17.60 1.86
N ASN D 166 1.47 17.91 2.40
CA ASN D 166 2.41 18.79 1.70
C ASN D 166 3.83 18.22 1.80
N LEU D 167 4.40 17.82 0.67
CA LEU D 167 5.83 17.52 0.59
C LEU D 167 6.18 16.44 1.62
N THR D 168 7.25 16.59 2.40
CA THR D 168 7.74 15.52 3.26
C THR D 168 7.08 15.54 4.63
N ALA D 169 6.11 16.45 4.83
CA ALA D 169 5.16 16.38 5.95
C ALA D 169 4.18 15.20 5.87
N GLU D 170 4.04 14.59 4.72
CA GLU D 170 3.10 13.48 4.60
C GLU D 170 3.50 12.27 5.46
N ASN D 171 4.64 11.66 5.15
CA ASN D 171 5.17 10.44 5.78
C ASN D 171 4.12 9.49 6.35
N PHE D 172 4.00 9.35 7.67
CA PHE D 172 3.13 8.34 8.25
C PHE D 172 1.66 8.75 8.35
N ASN D 173 1.33 10.01 8.14
CA ASN D 173 -0.03 10.44 8.44
C ASN D 173 -1.14 9.70 7.70
N PRO D 174 -1.14 9.58 6.37
CA PRO D 174 -2.27 8.91 5.70
C PRO D 174 -2.40 7.42 6.04
N ILE D 175 -1.32 6.78 6.44
CA ILE D 175 -1.41 5.38 6.79
C ILE D 175 -1.97 5.24 8.21
N MET D 176 -1.53 6.08 9.17
CA MET D 176 -2.10 6.00 10.51
C MET D 176 -3.62 6.30 10.47
N ALA D 177 -4.07 7.15 9.52
CA ALA D 177 -5.49 7.50 9.44
C ALA D 177 -6.35 6.31 9.09
N LEU D 178 -5.80 5.32 8.37
CA LEU D 178 -6.60 4.13 8.12
C LEU D 178 -6.55 3.13 9.26
N ALA D 179 -5.56 3.21 10.13
CA ALA D 179 -5.26 2.15 11.08
C ALA D 179 -5.91 2.32 12.46
N ALA D 180 -6.30 3.52 12.87
CA ALA D 180 -6.77 3.73 14.23
C ALA D 180 -8.28 3.65 14.31
N LYS D 181 -8.78 3.45 15.54
CA LYS D 181 -10.23 3.43 15.71
C LYS D 181 -10.83 4.82 15.50
N THR D 182 -10.23 5.86 16.05
CA THR D 182 -10.70 7.20 15.77
C THR D 182 -9.54 8.04 15.24
N VAL D 183 -9.83 8.91 14.28
CA VAL D 183 -8.85 9.78 13.65
C VAL D 183 -9.18 11.23 13.95
N ILE D 184 -8.20 11.95 14.49
CA ILE D 184 -8.29 13.39 14.76
C ILE D 184 -7.19 14.02 13.91
N ALA D 185 -7.54 14.94 13.01
CA ALA D 185 -6.59 15.56 12.09
C ALA D 185 -6.44 17.04 12.41
N GLU D 186 -5.27 17.42 12.86
CA GLU D 186 -4.92 18.83 12.84
C GLU D 186 -4.68 19.28 11.41
N VAL D 187 -5.29 20.38 11.01
CA VAL D 187 -5.09 20.94 9.67
C VAL D 187 -4.74 22.42 9.79
N GLU D 188 -4.07 22.95 8.75
CA GLU D 188 -3.70 24.36 8.70
C GLU D 188 -4.84 25.25 8.18
N GLU D 189 -5.71 24.74 7.28
CA GLU D 189 -6.69 25.53 6.55
C GLU D 189 -7.88 24.61 6.28
N ILE D 190 -9.09 25.18 6.40
CA ILE D 190 -10.33 24.55 5.96
C ILE D 190 -10.75 25.22 4.65
N VAL D 191 -10.95 24.43 3.63
CA VAL D 191 -11.23 25.00 2.32
C VAL D 191 -12.55 24.47 1.82
N PRO D 192 -13.15 25.16 0.84
CA PRO D 192 -14.40 24.71 0.23
C PRO D 192 -14.34 23.37 -0.49
N THR D 193 -15.46 22.64 -0.39
CA THR D 193 -15.61 21.46 -1.23
C THR D 193 -15.48 21.82 -2.71
N GLY D 194 -14.71 21.01 -3.43
CA GLY D 194 -14.33 21.37 -4.80
C GLY D 194 -13.01 22.10 -4.92
N THR D 195 -12.37 22.44 -3.81
CA THR D 195 -11.00 22.95 -3.87
C THR D 195 -9.98 21.82 -4.01
N LEU D 196 -10.25 20.67 -3.36
CA LEU D 196 -9.45 19.45 -3.45
C LEU D 196 -10.03 18.55 -4.54
N SER D 197 -9.28 18.31 -5.61
CA SER D 197 -9.79 17.49 -6.68
C SER D 197 -9.82 16.00 -6.32
N PRO D 198 -10.72 15.25 -6.93
CA PRO D 198 -10.77 13.80 -6.69
C PRO D 198 -9.45 13.11 -6.94
N ASN D 199 -8.66 13.56 -7.95
CA ASN D 199 -7.33 13.01 -8.25
C ASN D 199 -6.24 13.40 -7.27
N GLU D 200 -6.47 14.42 -6.45
CA GLU D 200 -5.47 14.93 -5.52
C GLU D 200 -5.64 14.46 -4.08
N ILE D 201 -6.88 14.22 -3.66
CA ILE D 201 -7.17 13.89 -2.26
C ILE D 201 -6.41 12.64 -1.87
N LYS D 202 -5.80 12.65 -0.70
CA LYS D 202 -5.09 11.48 -0.25
C LYS D 202 -5.73 10.79 0.96
N THR D 203 -6.57 11.46 1.73
CA THR D 203 -7.37 10.79 2.76
C THR D 203 -8.83 11.20 2.60
N PRO D 204 -9.75 10.28 2.33
CA PRO D 204 -11.16 10.66 2.24
C PRO D 204 -11.75 11.06 3.60
N GLY D 205 -12.71 12.00 3.57
CA GLY D 205 -13.23 12.54 4.82
C GLY D 205 -14.00 11.53 5.64
N ILE D 206 -14.57 10.53 4.96
CA ILE D 206 -15.23 9.41 5.62
C ILE D 206 -14.38 8.77 6.70
N ILE D 207 -13.05 8.76 6.56
CA ILE D 207 -12.32 8.09 7.63
C ILE D 207 -11.90 9.04 8.75
N VAL D 208 -12.09 10.35 8.56
CA VAL D 208 -11.68 11.35 9.54
C VAL D 208 -12.88 11.63 10.46
N ASP D 209 -12.72 11.34 11.72
CA ASP D 209 -13.79 11.61 12.68
C ASP D 209 -13.76 13.05 13.19
N TYR D 210 -12.58 13.60 13.45
CA TYR D 210 -12.51 14.95 13.98
C TYR D 210 -11.41 15.79 13.35
N ILE D 211 -11.61 17.11 13.37
CA ILE D 211 -10.66 18.07 12.82
C ILE D 211 -10.52 19.22 13.78
N VAL D 212 -9.28 19.61 14.03
CA VAL D 212 -9.02 20.80 14.79
C VAL D 212 -8.10 21.72 14.00
N THR D 213 -8.31 23.01 14.29
CA THR D 213 -7.85 24.29 13.70
C THR D 213 -7.57 24.50 12.23
C ACT E . -17.92 -7.73 -8.04
O ACT E . -18.26 -7.72 -6.82
OXT ACT E . -16.75 -7.60 -8.47
CH3 ACT E . -18.97 -8.19 -9.12
C ACT F . -15.57 -6.94 -11.61
O ACT F . -16.73 -7.01 -11.13
OXT ACT F . -14.46 -7.11 -11.01
CH3 ACT F . -15.55 -6.92 -13.17
C ACT G . 18.02 6.11 9.10
O ACT G . 16.87 6.47 9.53
OXT ACT G . 18.32 5.55 8.00
CH3 ACT G . 19.27 6.52 9.95
C ACT H . 15.32 8.63 11.40
O ACT H . 16.52 8.35 11.22
OXT ACT H . 14.41 7.79 11.42
CH3 ACT H . 15.04 9.90 12.26
#